data_1J3N
#
_entry.id   1J3N
#
_cell.length_a   72.067
_cell.length_b   185.573
_cell.length_c   62.517
_cell.angle_alpha   90.00
_cell.angle_beta   90.00
_cell.angle_gamma   90.00
#
_symmetry.space_group_name_H-M   'P 21 21 2'
#
loop_
_entity.id
_entity.type
_entity.pdbx_description
1 polymer '3-oxoacyl-(acyl-carrier protein) synthase II'
2 non-polymer 'CITRIC ACID'
3 non-polymer 'MAGNESIUM ION'
4 water water
#
_entity_poly.entity_id   1
_entity_poly.type   'polypeptide(L)'
_entity_poly.pdbx_seq_one_letter_code
;MRRVVVTGLGALTPIGVGQEAFHKAQLAGKSGVRPITRFDASALPVRIAAEVDVDPGAYLDRKELRRLDRFVQYALIAAQ
LALEDAGLKPEDLDPERVGTLVGTGIGGMETWEAQSRVFLERGPNRISPFFIPMMIANMASAHIAMRYGFTGPSSTVVTA
CATGADALGSALRMIQLGEADLVLAGGTEAAITPMAIGAFAVMRALSTRNEEPEKASRPFTLSRDGFVMGEGAGVLVLEA
YEHAKKRGARIYAELVGFGRSADAHHITEPHPEGKGAALAMARALKDAGIAPEQVGYINAHGTSTPVGDRAEVLAIKRVF
GDHAKRLMVSSTKSMIGHLLGAAGAVEAIATVQALYHGVIPPTINLEDPDPELDLDFVPEPREAKVDYALSNSFAFGGHN
AVLAFKRV
;
_entity_poly.pdbx_strand_id   A,B
#
loop_
_chem_comp.id
_chem_comp.type
_chem_comp.name
_chem_comp.formula
CIT non-polymer 'CITRIC ACID' 'C6 H8 O7'
MG non-polymer 'MAGNESIUM ION' 'Mg 2'
#
# COMPACT_ATOMS: atom_id res chain seq x y z
N MET A 1 16.98 -7.84 18.01
CA MET A 1 17.04 -6.88 16.87
C MET A 1 17.49 -5.50 17.37
N ARG A 2 16.56 -4.55 17.39
CA ARG A 2 16.84 -3.20 17.84
C ARG A 2 15.56 -2.53 18.32
N ARG A 3 15.70 -1.63 19.29
CA ARG A 3 14.55 -0.92 19.78
C ARG A 3 14.28 0.18 18.75
N VAL A 4 13.02 0.60 18.65
CA VAL A 4 12.65 1.64 17.72
C VAL A 4 11.88 2.68 18.51
N VAL A 5 12.37 3.92 18.46
CA VAL A 5 11.74 5.00 19.19
C VAL A 5 11.27 6.15 18.30
N VAL A 6 10.25 6.85 18.78
CA VAL A 6 9.65 7.99 18.10
C VAL A 6 10.39 9.25 18.55
N THR A 7 11.01 9.97 17.60
CA THR A 7 11.76 11.16 17.92
C THR A 7 11.27 12.43 17.22
N GLY A 8 10.24 12.29 16.40
CA GLY A 8 9.71 13.43 15.69
C GLY A 8 8.22 13.29 15.42
N LEU A 9 7.48 14.36 15.65
CA LEU A 9 6.05 14.34 15.42
C LEU A 9 5.67 15.48 14.49
N GLY A 10 5.19 15.12 13.31
CA GLY A 10 4.76 16.10 12.32
C GLY A 10 3.25 15.94 12.20
N ALA A 11 2.52 16.87 12.80
CA ALA A 11 1.07 16.81 12.78
C ALA A 11 0.41 17.95 12.01
N LEU A 12 -0.45 17.60 11.06
CA LEU A 12 -1.19 18.59 10.28
C LEU A 12 -2.65 18.20 10.49
N THR A 13 -3.32 18.85 11.44
CA THR A 13 -4.69 18.49 11.76
C THR A 13 -5.73 19.61 11.74
N PRO A 14 -7.02 19.22 11.79
CA PRO A 14 -8.17 20.13 11.78
C PRO A 14 -8.25 21.04 13.02
N ILE A 15 -7.44 20.77 14.03
CA ILE A 15 -7.46 21.62 15.23
C ILE A 15 -6.09 22.18 15.57
N GLY A 16 -5.15 22.07 14.63
CA GLY A 16 -3.83 22.60 14.87
C GLY A 16 -2.76 22.17 13.89
N VAL A 17 -1.95 23.14 13.45
CA VAL A 17 -0.85 22.86 12.53
C VAL A 17 0.38 22.74 13.43
N GLY A 18 0.99 21.56 13.43
CA GLY A 18 2.15 21.34 14.25
C GLY A 18 1.78 20.49 15.45
N GLN A 19 2.73 19.65 15.86
CA GLN A 19 2.57 18.74 16.98
C GLN A 19 2.15 19.42 18.29
N GLU A 20 2.81 20.54 18.64
CA GLU A 20 2.46 21.23 19.88
C GLU A 20 1.05 21.82 19.84
N ALA A 21 0.71 22.50 18.73
CA ALA A 21 -0.62 23.09 18.59
C ALA A 21 -1.69 22.00 18.72
N PHE A 22 -1.41 20.84 18.15
CA PHE A 22 -2.33 19.71 18.18
C PHE A 22 -2.56 19.26 19.62
N HIS A 23 -1.48 19.16 20.39
CA HIS A 23 -1.57 18.71 21.78
C HIS A 23 -2.36 19.69 22.67
N LYS A 24 -2.05 20.98 22.56
CA LYS A 24 -2.76 21.98 23.34
C LYS A 24 -4.24 21.96 23.00
N ALA A 25 -4.56 21.85 21.71
CA ALA A 25 -5.95 21.82 21.24
C ALA A 25 -6.72 20.62 21.78
N GLN A 26 -6.03 19.50 21.94
CA GLN A 26 -6.65 18.28 22.46
C GLN A 26 -7.05 18.50 23.91
N LEU A 27 -6.11 19.06 24.68
CA LEU A 27 -6.32 19.32 26.10
C LEU A 27 -7.43 20.33 26.33
N ALA A 28 -7.72 21.12 25.31
CA ALA A 28 -8.77 22.12 25.38
C ALA A 28 -10.09 21.53 24.94
N GLY A 29 -10.03 20.35 24.31
CA GLY A 29 -11.24 19.70 23.82
C GLY A 29 -11.80 20.40 22.60
N LYS A 30 -10.93 21.08 21.86
CA LYS A 30 -11.35 21.79 20.67
C LYS A 30 -11.90 20.86 19.60
N SER A 31 -12.82 21.39 18.81
CA SER A 31 -13.42 20.63 17.72
C SER A 31 -12.92 21.25 16.41
N GLY A 32 -12.62 20.41 15.44
CA GLY A 32 -12.16 20.90 14.15
C GLY A 32 -13.20 20.73 13.07
N VAL A 33 -14.43 20.38 13.48
CA VAL A 33 -15.54 20.17 12.57
C VAL A 33 -16.31 21.48 12.35
N ARG A 34 -16.67 21.76 11.10
CA ARG A 34 -17.38 23.00 10.80
C ARG A 34 -18.09 22.90 9.47
N PRO A 35 -18.92 23.91 9.12
CA PRO A 35 -19.61 23.85 7.83
C PRO A 35 -18.51 23.81 6.76
N ILE A 36 -18.71 23.02 5.72
CA ILE A 36 -17.71 22.89 4.67
C ILE A 36 -17.45 24.19 3.91
N THR A 37 -16.19 24.56 3.81
CA THR A 37 -15.80 25.78 3.10
C THR A 37 -14.93 25.44 1.89
N ARG A 38 -14.35 24.23 1.89
CA ARG A 38 -13.48 23.79 0.78
C ARG A 38 -14.18 23.90 -0.56
N PHE A 39 -15.47 23.60 -0.58
CA PHE A 39 -16.29 23.69 -1.79
C PHE A 39 -17.73 23.88 -1.34
N ASP A 40 -18.62 24.17 -2.29
CA ASP A 40 -20.02 24.36 -1.96
C ASP A 40 -20.74 23.02 -1.84
N ALA A 41 -20.99 22.62 -0.61
CA ALA A 41 -21.66 21.34 -0.35
C ALA A 41 -23.15 21.53 -0.03
N SER A 42 -23.74 22.63 -0.50
CA SER A 42 -25.15 22.88 -0.23
C SER A 42 -26.07 21.76 -0.72
N ALA A 43 -25.83 21.23 -1.91
CA ALA A 43 -26.67 20.16 -2.44
C ALA A 43 -26.55 18.81 -1.72
N LEU A 44 -25.46 18.61 -0.98
CA LEU A 44 -25.24 17.34 -0.27
C LEU A 44 -25.99 17.18 1.04
N PRO A 45 -26.18 15.93 1.49
CA PRO A 45 -26.89 15.64 2.75
C PRO A 45 -25.97 15.83 3.95
N VAL A 46 -24.67 15.77 3.69
CA VAL A 46 -23.63 15.95 4.71
C VAL A 46 -22.91 17.22 4.29
N ARG A 47 -22.95 18.23 5.13
CA ARG A 47 -22.34 19.51 4.78
C ARG A 47 -21.35 20.04 5.81
N ILE A 48 -20.74 19.12 6.56
CA ILE A 48 -19.77 19.45 7.60
C ILE A 48 -18.54 18.55 7.47
N ALA A 49 -17.40 19.04 7.94
CA ALA A 49 -16.16 18.27 7.87
C ALA A 49 -15.11 18.93 8.76
N ALA A 50 -14.02 18.20 9.00
CA ALA A 50 -12.93 18.71 9.82
C ALA A 50 -11.85 19.17 8.85
N GLU A 51 -11.93 20.44 8.47
CA GLU A 51 -10.98 21.01 7.52
C GLU A 51 -9.70 21.55 8.16
N VAL A 52 -8.62 21.45 7.40
CA VAL A 52 -7.33 21.93 7.83
C VAL A 52 -7.12 23.32 7.23
N ASP A 53 -6.48 24.20 7.99
CA ASP A 53 -6.18 25.55 7.54
C ASP A 53 -4.67 25.69 7.55
N VAL A 54 -4.05 25.66 6.37
CA VAL A 54 -2.61 25.78 6.27
C VAL A 54 -2.21 26.41 4.95
N ASP A 55 -1.14 27.18 4.97
CA ASP A 55 -0.62 27.83 3.76
C ASP A 55 0.52 26.99 3.21
N PRO A 56 0.22 26.13 2.23
CA PRO A 56 1.25 25.27 1.63
C PRO A 56 2.42 26.10 1.12
N GLY A 57 2.11 27.26 0.55
CA GLY A 57 3.14 28.15 0.04
C GLY A 57 4.12 28.56 1.12
N ALA A 58 3.73 28.37 2.38
CA ALA A 58 4.60 28.71 3.51
C ALA A 58 5.60 27.59 3.78
N TYR A 59 5.37 26.43 3.17
CA TYR A 59 6.26 25.28 3.35
C TYR A 59 6.95 24.86 2.06
N LEU A 60 6.23 24.91 0.95
CA LEU A 60 6.76 24.50 -0.34
C LEU A 60 6.86 25.67 -1.31
N ASP A 61 7.58 25.47 -2.40
CA ASP A 61 7.73 26.51 -3.43
C ASP A 61 6.38 26.59 -4.13
N ARG A 62 5.68 27.70 -3.98
CA ARG A 62 4.37 27.86 -4.60
C ARG A 62 4.33 27.48 -6.08
N LYS A 63 5.47 27.58 -6.75
CA LYS A 63 5.55 27.26 -8.16
C LYS A 63 5.42 25.76 -8.44
N GLU A 64 5.80 24.94 -7.47
CA GLU A 64 5.73 23.49 -7.63
C GLU A 64 4.39 22.93 -7.14
N LEU A 65 3.75 23.67 -6.24
CA LEU A 65 2.46 23.23 -5.69
C LEU A 65 1.46 22.84 -6.76
N ARG A 66 1.45 23.56 -7.88
CA ARG A 66 0.50 23.28 -8.94
C ARG A 66 0.58 21.87 -9.54
N ARG A 67 1.65 21.15 -9.24
CA ARG A 67 1.79 19.80 -9.75
C ARG A 67 1.75 18.79 -8.61
N LEU A 68 1.28 19.25 -7.46
CA LEU A 68 1.16 18.42 -6.27
C LEU A 68 -0.27 18.37 -5.79
N ASP A 69 -0.81 17.17 -5.68
CA ASP A 69 -2.17 17.02 -5.21
C ASP A 69 -2.19 17.35 -3.72
N ARG A 70 -3.33 17.78 -3.21
CA ARG A 70 -3.45 18.13 -1.81
C ARG A 70 -2.94 17.03 -0.86
N PHE A 71 -3.15 15.75 -1.19
CA PHE A 71 -2.68 14.71 -0.26
C PHE A 71 -1.17 14.64 -0.18
N VAL A 72 -0.51 14.96 -1.28
CA VAL A 72 0.95 14.96 -1.29
C VAL A 72 1.41 16.25 -0.61
N GLN A 73 0.64 17.33 -0.78
CA GLN A 73 0.99 18.59 -0.14
C GLN A 73 0.98 18.43 1.39
N TYR A 74 -0.02 17.73 1.90
CA TYR A 74 -0.11 17.52 3.35
C TYR A 74 1.04 16.63 3.84
N ALA A 75 1.35 15.58 3.09
CA ALA A 75 2.44 14.69 3.50
C ALA A 75 3.79 15.40 3.58
N LEU A 76 4.07 16.25 2.60
CA LEU A 76 5.34 16.98 2.58
C LEU A 76 5.41 17.96 3.76
N ILE A 77 4.29 18.59 4.06
CA ILE A 77 4.22 19.54 5.17
C ILE A 77 4.43 18.81 6.49
N ALA A 78 3.75 17.68 6.67
CA ALA A 78 3.89 16.90 7.91
C ALA A 78 5.30 16.36 8.06
N ALA A 79 5.89 15.91 6.97
CA ALA A 79 7.26 15.39 7.01
C ALA A 79 8.24 16.49 7.41
N GLN A 80 8.05 17.70 6.88
CA GLN A 80 8.93 18.82 7.24
C GLN A 80 8.78 19.11 8.73
N LEU A 81 7.54 19.22 9.18
CA LEU A 81 7.26 19.47 10.59
C LEU A 81 7.87 18.36 11.45
N ALA A 82 7.81 17.13 10.95
CA ALA A 82 8.35 15.98 11.68
C ALA A 82 9.87 16.09 11.83
N LEU A 83 10.56 16.34 10.72
CA LEU A 83 12.01 16.48 10.75
C LEU A 83 12.42 17.64 11.65
N GLU A 84 11.67 18.74 11.58
CA GLU A 84 11.96 19.91 12.38
C GLU A 84 11.81 19.60 13.86
N ASP A 85 10.73 18.90 14.20
CA ASP A 85 10.44 18.50 15.57
C ASP A 85 11.46 17.51 16.12
N ALA A 86 12.10 16.77 15.22
CA ALA A 86 13.10 15.77 15.61
C ALA A 86 14.50 16.38 15.72
N GLY A 87 14.64 17.61 15.25
CA GLY A 87 15.93 18.28 15.31
C GLY A 87 16.94 17.71 14.32
N LEU A 88 16.43 17.28 13.17
CA LEU A 88 17.30 16.70 12.14
C LEU A 88 17.45 17.58 10.91
N LYS A 89 18.40 17.20 10.08
CA LYS A 89 18.67 17.88 8.82
C LYS A 89 19.17 16.78 7.89
N PRO A 90 18.51 16.62 6.72
CA PRO A 90 18.90 15.58 5.76
C PRO A 90 20.41 15.35 5.64
N GLU A 91 21.17 16.44 5.70
CA GLU A 91 22.63 16.37 5.59
C GLU A 91 23.26 15.61 6.75
N ASP A 92 22.71 15.78 7.94
CA ASP A 92 23.23 15.13 9.14
C ASP A 92 22.76 13.67 9.24
N LEU A 93 22.17 13.17 8.16
CA LEU A 93 21.67 11.81 8.09
C LEU A 93 22.23 11.10 6.87
N ASP A 94 22.52 9.81 7.01
CA ASP A 94 23.02 9.05 5.87
C ASP A 94 21.77 8.78 5.04
N PRO A 95 21.65 9.44 3.88
CA PRO A 95 20.49 9.27 3.00
C PRO A 95 20.12 7.84 2.63
N GLU A 96 21.10 6.95 2.57
CA GLU A 96 20.85 5.56 2.22
C GLU A 96 20.21 4.79 3.37
N ARG A 97 20.28 5.35 4.56
CA ARG A 97 19.73 4.69 5.75
C ARG A 97 18.41 5.28 6.20
N VAL A 98 17.86 6.19 5.41
CA VAL A 98 16.59 6.81 5.73
C VAL A 98 15.51 6.33 4.77
N GLY A 99 14.46 5.76 5.33
CA GLY A 99 13.37 5.27 4.51
C GLY A 99 12.16 6.17 4.61
N THR A 100 11.19 5.94 3.73
CA THR A 100 9.97 6.71 3.70
C THR A 100 8.79 5.75 3.52
N LEU A 101 7.71 5.98 4.28
CA LEU A 101 6.55 5.13 4.21
C LEU A 101 5.31 5.88 4.69
N VAL A 102 4.77 6.73 3.82
CA VAL A 102 3.58 7.49 4.15
C VAL A 102 2.45 6.95 3.28
N GLY A 103 1.45 6.35 3.92
CA GLY A 103 0.35 5.79 3.17
C GLY A 103 -0.80 6.76 3.02
N THR A 104 -1.81 6.33 2.28
CA THR A 104 -3.01 7.13 2.05
C THR A 104 -4.13 6.13 1.73
N GLY A 105 -5.37 6.52 1.93
CA GLY A 105 -6.46 5.59 1.64
C GLY A 105 -7.03 5.75 0.24
N ILE A 106 -7.11 7.00 -0.23
CA ILE A 106 -7.67 7.31 -1.54
C ILE A 106 -6.68 7.95 -2.53
N GLY A 107 -5.73 8.72 -2.02
CA GLY A 107 -4.76 9.36 -2.91
C GLY A 107 -5.26 10.69 -3.44
N GLY A 108 -4.95 10.98 -4.70
CA GLY A 108 -5.33 12.25 -5.30
C GLY A 108 -6.78 12.44 -5.68
N MET A 109 -7.65 12.53 -4.67
CA MET A 109 -9.08 12.71 -4.88
C MET A 109 -9.43 13.96 -5.73
N GLU A 110 -8.83 15.11 -5.42
CA GLU A 110 -9.12 16.32 -6.20
C GLU A 110 -8.67 16.16 -7.64
N THR A 111 -7.51 15.54 -7.83
CA THR A 111 -6.96 15.32 -9.16
C THR A 111 -7.87 14.40 -9.96
N TRP A 112 -8.43 13.39 -9.29
CA TRP A 112 -9.33 12.47 -9.95
C TRP A 112 -10.55 13.20 -10.51
N GLU A 113 -11.09 14.14 -9.73
CA GLU A 113 -12.27 14.89 -10.18
C GLU A 113 -11.92 15.85 -11.31
N ALA A 114 -10.79 16.54 -11.17
CA ALA A 114 -10.34 17.50 -12.18
C ALA A 114 -10.05 16.84 -13.53
N GLN A 115 -9.26 15.77 -13.52
CA GLN A 115 -8.90 15.09 -14.75
C GLN A 115 -10.04 14.25 -15.35
N SER A 116 -10.85 13.63 -14.51
CA SER A 116 -11.97 12.85 -15.05
C SER A 116 -12.89 13.83 -15.78
N ARG A 117 -12.90 15.07 -15.34
CA ARG A 117 -13.74 16.09 -15.98
C ARG A 117 -13.13 16.47 -17.32
N VAL A 118 -11.79 16.57 -17.36
CA VAL A 118 -11.09 16.89 -18.59
C VAL A 118 -11.37 15.77 -19.60
N PHE A 119 -11.20 14.54 -19.13
CA PHE A 119 -11.43 13.34 -19.91
C PHE A 119 -12.79 13.35 -20.59
N LEU A 120 -13.81 13.82 -19.87
CA LEU A 120 -15.17 13.88 -20.39
C LEU A 120 -15.49 15.06 -21.30
N GLU A 121 -14.89 16.21 -21.04
CA GLU A 121 -15.16 17.39 -21.85
C GLU A 121 -14.24 17.57 -23.05
N ARG A 122 -13.07 16.92 -23.01
CA ARG A 122 -12.11 17.07 -24.10
C ARG A 122 -11.46 15.79 -24.60
N GLY A 123 -11.73 14.68 -23.92
CA GLY A 123 -11.19 13.42 -24.38
C GLY A 123 -9.94 12.93 -23.67
N PRO A 124 -9.60 11.66 -23.90
CA PRO A 124 -8.43 11.03 -23.28
C PRO A 124 -7.09 11.60 -23.70
N ASN A 125 -7.03 12.31 -24.82
CA ASN A 125 -5.75 12.87 -25.25
C ASN A 125 -5.50 14.24 -24.64
N ARG A 126 -6.48 14.77 -23.92
CA ARG A 126 -6.32 16.05 -23.26
C ARG A 126 -6.04 15.88 -21.76
N ILE A 127 -5.99 14.64 -21.30
CA ILE A 127 -5.69 14.39 -19.89
C ILE A 127 -4.29 14.92 -19.65
N SER A 128 -4.06 15.51 -18.50
CA SER A 128 -2.76 16.05 -18.16
C SER A 128 -1.71 14.95 -18.04
N PRO A 129 -0.47 15.22 -18.50
CA PRO A 129 0.57 14.20 -18.40
C PRO A 129 1.05 14.07 -16.95
N PHE A 130 0.45 14.88 -16.07
CA PHE A 130 0.79 14.83 -14.66
C PHE A 130 -0.33 14.15 -13.87
N PHE A 131 -1.35 13.67 -14.57
CA PHE A 131 -2.46 13.00 -13.88
C PHE A 131 -1.96 11.82 -13.05
N ILE A 132 -1.32 10.86 -13.69
CA ILE A 132 -0.81 9.68 -12.98
C ILE A 132 0.10 10.04 -11.80
N PRO A 133 1.17 10.82 -12.05
CA PRO A 133 2.10 11.23 -10.99
C PRO A 133 1.45 12.00 -9.84
N MET A 134 0.37 12.71 -10.11
CA MET A 134 -0.29 13.48 -9.06
C MET A 134 -1.32 12.68 -8.27
N MET A 135 -1.94 11.68 -8.90
CA MET A 135 -2.98 10.92 -8.21
C MET A 135 -2.62 9.60 -7.51
N ILE A 136 -1.61 8.88 -8.00
CA ILE A 136 -1.28 7.60 -7.36
C ILE A 136 -0.74 7.67 -5.94
N ALA A 137 -1.17 6.72 -5.12
CA ALA A 137 -0.82 6.64 -3.70
C ALA A 137 0.63 6.71 -3.28
N ASN A 138 1.52 6.11 -4.06
CA ASN A 138 2.93 6.09 -3.73
C ASN A 138 3.66 7.42 -3.91
N MET A 139 2.94 8.46 -4.35
CA MET A 139 3.60 9.74 -4.57
C MET A 139 3.89 10.57 -3.32
N ALA A 140 3.28 10.20 -2.20
CA ALA A 140 3.55 10.92 -0.96
C ALA A 140 4.95 10.46 -0.50
N SER A 141 5.16 9.15 -0.46
CA SER A 141 6.45 8.61 -0.08
C SER A 141 7.53 9.07 -1.07
N ALA A 142 7.24 8.91 -2.36
CA ALA A 142 8.17 9.30 -3.41
C ALA A 142 8.59 10.76 -3.34
N HIS A 143 7.63 11.66 -3.14
CA HIS A 143 7.97 13.07 -3.07
C HIS A 143 8.81 13.41 -1.86
N ILE A 144 8.58 12.71 -0.75
CA ILE A 144 9.37 12.98 0.44
C ILE A 144 10.80 12.50 0.23
N ALA A 145 10.93 11.32 -0.38
CA ALA A 145 12.26 10.75 -0.67
C ALA A 145 13.03 11.64 -1.62
N MET A 146 12.33 12.18 -2.62
CA MET A 146 12.95 13.05 -3.61
C MET A 146 13.38 14.39 -3.04
N ARG A 147 12.54 14.97 -2.21
CA ARG A 147 12.83 16.27 -1.62
C ARG A 147 14.08 16.27 -0.74
N TYR A 148 14.27 15.21 0.03
CA TYR A 148 15.40 15.11 0.95
C TYR A 148 16.54 14.19 0.50
N GLY A 149 16.35 13.48 -0.61
CA GLY A 149 17.39 12.58 -1.09
C GLY A 149 17.53 11.30 -0.29
N PHE A 150 16.46 10.89 0.39
CA PHE A 150 16.48 9.67 1.19
C PHE A 150 16.39 8.49 0.25
N THR A 151 17.45 7.68 0.17
CA THR A 151 17.45 6.54 -0.75
C THR A 151 17.20 5.17 -0.12
N GLY A 152 16.75 5.18 1.13
CA GLY A 152 16.42 3.94 1.81
C GLY A 152 15.08 3.48 1.24
N PRO A 153 14.60 2.27 1.60
CA PRO A 153 13.32 1.78 1.08
C PRO A 153 12.20 2.83 1.10
N SER A 154 11.46 2.92 0.00
CA SER A 154 10.36 3.88 -0.13
C SER A 154 9.10 3.12 -0.51
N SER A 155 8.24 2.83 0.48
CA SER A 155 7.03 2.08 0.21
C SER A 155 5.74 2.80 0.60
N THR A 156 4.62 2.21 0.20
CA THR A 156 3.31 2.77 0.46
C THR A 156 2.25 1.72 0.72
N VAL A 157 1.51 1.85 1.81
CA VAL A 157 0.44 0.92 2.13
C VAL A 157 -0.88 1.67 2.03
N VAL A 158 -1.91 0.98 1.53
CA VAL A 158 -3.24 1.53 1.38
C VAL A 158 -4.20 0.52 1.97
N THR A 159 -4.64 0.77 3.20
CA THR A 159 -5.57 -0.11 3.88
C THR A 159 -6.67 0.69 4.56
N ALA A 160 -7.20 1.65 3.82
CA ALA A 160 -8.27 2.50 4.32
C ALA A 160 -7.95 3.06 5.72
N CYS A 161 -8.84 2.81 6.66
CA CYS A 161 -8.71 3.32 8.03
C CYS A 161 -7.49 2.83 8.81
N ALA A 162 -6.96 1.68 8.43
CA ALA A 162 -5.80 1.10 9.11
C ALA A 162 -4.47 1.55 8.51
N THR A 163 -4.55 2.33 7.43
CA THR A 163 -3.36 2.83 6.73
C THR A 163 -2.26 3.41 7.63
N GLY A 164 -2.61 4.44 8.39
CA GLY A 164 -1.62 5.08 9.24
C GLY A 164 -0.89 4.17 10.20
N ALA A 165 -1.60 3.22 10.80
CA ALA A 165 -0.99 2.30 11.76
C ALA A 165 -0.20 1.20 11.05
N ASP A 166 -0.73 0.73 9.93
CA ASP A 166 -0.11 -0.30 9.11
C ASP A 166 1.23 0.25 8.61
N ALA A 167 1.22 1.51 8.17
CA ALA A 167 2.43 2.15 7.66
C ALA A 167 3.49 2.30 8.77
N LEU A 168 3.06 2.72 9.95
CA LEU A 168 3.97 2.90 11.08
C LEU A 168 4.53 1.55 11.53
N GLY A 169 3.66 0.55 11.64
CA GLY A 169 4.11 -0.77 12.05
C GLY A 169 5.04 -1.37 11.03
N SER A 170 4.79 -1.07 9.75
CA SER A 170 5.65 -1.59 8.68
C SER A 170 7.02 -0.92 8.70
N ALA A 171 7.07 0.33 9.17
CA ALA A 171 8.33 1.07 9.27
C ALA A 171 9.06 0.49 10.47
N LEU A 172 8.28 0.14 11.50
CA LEU A 172 8.84 -0.47 12.70
C LEU A 172 9.64 -1.69 12.26
N ARG A 173 9.03 -2.53 11.42
CA ARG A 173 9.66 -3.75 10.93
C ARG A 173 10.91 -3.46 10.13
N MET A 174 10.82 -2.46 9.25
CA MET A 174 11.90 -2.02 8.41
C MET A 174 13.15 -1.68 9.24
N ILE A 175 12.96 -1.01 10.36
CA ILE A 175 14.11 -0.67 11.21
C ILE A 175 14.56 -1.89 12.02
N GLN A 176 13.62 -2.65 12.58
CA GLN A 176 13.97 -3.83 13.36
C GLN A 176 14.76 -4.85 12.51
N LEU A 177 14.40 -4.93 11.23
CA LEU A 177 15.04 -5.84 10.29
C LEU A 177 16.38 -5.33 9.75
N GLY A 178 16.71 -4.08 10.07
CA GLY A 178 17.97 -3.51 9.59
C GLY A 178 17.95 -2.93 8.19
N GLU A 179 16.76 -2.71 7.63
CA GLU A 179 16.65 -2.17 6.27
C GLU A 179 16.81 -0.65 6.27
N ALA A 180 16.73 -0.06 7.45
CA ALA A 180 16.86 1.38 7.61
C ALA A 180 17.11 1.70 9.08
N ASP A 181 17.67 2.87 9.35
CA ASP A 181 17.93 3.28 10.72
C ASP A 181 16.95 4.35 11.17
N LEU A 182 16.40 5.07 10.20
CA LEU A 182 15.43 6.11 10.48
C LEU A 182 14.40 6.09 9.37
N VAL A 183 13.13 6.29 9.72
CA VAL A 183 12.07 6.28 8.71
C VAL A 183 10.99 7.33 8.99
N LEU A 184 10.58 8.05 7.95
CA LEU A 184 9.50 9.02 8.11
C LEU A 184 8.28 8.21 7.69
N ALA A 185 7.38 7.94 8.63
CA ALA A 185 6.20 7.13 8.36
C ALA A 185 4.91 7.74 8.88
N GLY A 186 3.81 7.39 8.24
CA GLY A 186 2.52 7.92 8.68
C GLY A 186 1.47 7.81 7.61
N GLY A 187 0.55 8.77 7.59
CA GLY A 187 -0.49 8.75 6.59
C GLY A 187 -1.00 10.13 6.23
N THR A 188 -1.56 10.23 5.04
CA THR A 188 -2.11 11.49 4.57
C THR A 188 -3.43 11.23 3.84
N GLU A 189 -4.35 12.18 3.94
CA GLU A 189 -5.63 12.05 3.26
C GLU A 189 -6.16 13.44 2.94
N ALA A 190 -6.67 13.60 1.72
CA ALA A 190 -7.22 14.87 1.25
C ALA A 190 -8.46 14.56 0.43
N ALA A 191 -9.48 14.01 1.09
CA ALA A 191 -10.70 13.62 0.40
C ALA A 191 -11.95 14.46 0.69
N ILE A 192 -11.76 15.69 1.15
CA ILE A 192 -12.91 16.55 1.38
C ILE A 192 -13.25 17.14 0.02
N THR A 193 -13.97 16.35 -0.78
CA THR A 193 -14.38 16.74 -2.11
C THR A 193 -15.84 16.34 -2.34
N PRO A 194 -16.48 16.93 -3.35
CA PRO A 194 -17.88 16.62 -3.66
C PRO A 194 -18.14 15.14 -3.85
N MET A 195 -17.29 14.51 -4.66
CA MET A 195 -17.44 13.09 -4.97
C MET A 195 -17.18 12.12 -3.82
N ALA A 196 -16.24 12.44 -2.94
CA ALA A 196 -15.93 11.56 -1.82
C ALA A 196 -16.94 11.67 -0.69
N ILE A 197 -17.31 12.89 -0.33
CA ILE A 197 -18.29 13.07 0.73
C ILE A 197 -19.63 12.57 0.18
N GLY A 198 -19.82 12.74 -1.12
CA GLY A 198 -21.05 12.28 -1.73
C GLY A 198 -21.14 10.77 -1.66
N ALA A 199 -20.03 10.11 -1.99
CA ALA A 199 -19.95 8.65 -1.96
C ALA A 199 -20.18 8.07 -0.57
N PHE A 200 -19.54 8.66 0.44
CA PHE A 200 -19.70 8.18 1.82
C PHE A 200 -21.09 8.53 2.34
N ALA A 201 -21.70 9.56 1.76
CA ALA A 201 -23.04 9.97 2.16
C ALA A 201 -24.08 9.00 1.60
N VAL A 202 -23.95 8.64 0.33
CA VAL A 202 -24.89 7.69 -0.25
C VAL A 202 -24.76 6.33 0.43
N MET A 203 -23.61 6.08 1.05
CA MET A 203 -23.35 4.84 1.78
C MET A 203 -23.93 4.91 3.18
N ARG A 204 -24.41 6.10 3.56
CA ARG A 204 -24.98 6.32 4.88
C ARG A 204 -23.98 6.11 6.01
N ALA A 205 -22.71 6.35 5.73
CA ALA A 205 -21.66 6.16 6.73
C ALA A 205 -21.33 7.43 7.49
N LEU A 206 -21.85 8.56 7.04
CA LEU A 206 -21.56 9.84 7.67
C LEU A 206 -22.69 10.44 8.53
N SER A 207 -22.29 11.19 9.55
CA SER A 207 -23.24 11.84 10.44
C SER A 207 -23.96 12.93 9.65
N THR A 208 -25.26 13.09 9.89
CA THR A 208 -26.04 14.11 9.20
C THR A 208 -26.43 15.26 10.12
N ARG A 209 -25.67 15.45 11.19
CA ARG A 209 -25.97 16.53 12.14
C ARG A 209 -25.43 17.87 11.68
N ASN A 210 -25.86 18.31 10.51
CA ASN A 210 -25.39 19.58 9.97
C ASN A 210 -25.63 20.78 10.88
N GLU A 211 -26.70 20.70 11.68
CA GLU A 211 -27.07 21.78 12.61
C GLU A 211 -26.05 22.04 13.72
N GLU A 212 -25.34 21.01 14.16
CA GLU A 212 -24.33 21.16 15.22
C GLU A 212 -23.04 20.45 14.81
N PRO A 213 -22.25 21.09 13.94
CA PRO A 213 -20.99 20.52 13.46
C PRO A 213 -20.05 20.00 14.54
N GLU A 214 -19.77 20.81 15.57
CA GLU A 214 -18.85 20.40 16.62
C GLU A 214 -19.37 19.26 17.49
N LYS A 215 -20.67 18.99 17.40
CA LYS A 215 -21.29 17.92 18.19
C LYS A 215 -21.61 16.66 17.38
N ALA A 216 -21.42 16.74 16.06
CA ALA A 216 -21.72 15.60 15.19
C ALA A 216 -20.92 14.35 15.55
N SER A 217 -19.60 14.46 15.60
CA SER A 217 -18.75 13.31 15.96
C SER A 217 -18.83 13.11 17.47
N ARG A 218 -19.59 12.11 17.90
CA ARG A 218 -19.80 11.84 19.32
C ARG A 218 -19.73 10.33 19.60
N PRO A 219 -18.53 9.75 19.53
CA PRO A 219 -18.35 8.31 19.78
C PRO A 219 -18.74 7.83 21.17
N PHE A 220 -19.34 6.65 21.19
CA PHE A 220 -19.80 6.01 22.43
C PHE A 220 -21.05 6.63 23.03
N THR A 221 -21.61 7.65 22.37
CA THR A 221 -22.83 8.25 22.89
C THR A 221 -24.04 7.53 22.30
N LEU A 222 -25.18 7.64 22.98
CA LEU A 222 -26.40 6.99 22.53
C LEU A 222 -26.92 7.59 21.22
N SER A 223 -26.57 8.84 20.94
CA SER A 223 -27.02 9.52 19.73
C SER A 223 -26.04 9.51 18.56
N ARG A 224 -24.99 8.70 18.65
CA ARG A 224 -23.99 8.61 17.59
C ARG A 224 -24.62 8.13 16.27
N ASP A 225 -24.37 8.86 15.17
CA ASP A 225 -24.97 8.51 13.89
C ASP A 225 -24.06 8.52 12.65
N GLY A 226 -22.82 8.05 12.80
CA GLY A 226 -21.91 8.04 11.67
C GLY A 226 -20.75 8.98 11.91
N PHE A 227 -19.67 8.81 11.16
CA PHE A 227 -18.51 9.67 11.37
C PHE A 227 -18.49 10.96 10.55
N VAL A 228 -17.49 11.80 10.85
CA VAL A 228 -17.31 13.07 10.16
C VAL A 228 -16.00 12.92 9.43
N MET A 229 -15.96 13.33 8.17
CA MET A 229 -14.71 13.20 7.43
C MET A 229 -13.78 14.34 7.78
N GLY A 230 -12.53 14.00 8.04
CA GLY A 230 -11.52 14.99 8.36
C GLY A 230 -10.42 14.87 7.33
N GLU A 231 -9.45 15.77 7.38
CA GLU A 231 -8.36 15.73 6.44
C GLU A 231 -7.11 16.06 7.22
N GLY A 232 -5.95 15.81 6.62
CA GLY A 232 -4.71 16.10 7.29
C GLY A 232 -3.67 15.04 7.04
N ALA A 233 -2.62 15.05 7.86
CA ALA A 233 -1.56 14.09 7.73
C ALA A 233 -0.77 13.96 9.02
N GLY A 234 -0.19 12.77 9.20
CA GLY A 234 0.60 12.53 10.38
C GLY A 234 1.84 11.80 9.92
N VAL A 235 3.01 12.40 10.17
CA VAL A 235 4.28 11.80 9.80
C VAL A 235 5.15 11.78 11.05
N LEU A 236 5.60 10.59 11.42
CA LEU A 236 6.43 10.46 12.61
C LEU A 236 7.83 10.02 12.20
N VAL A 237 8.81 10.44 12.98
CA VAL A 237 10.19 10.04 12.73
C VAL A 237 10.43 8.80 13.58
N LEU A 238 10.62 7.64 12.96
CA LEU A 238 10.91 6.42 13.71
C LEU A 238 12.42 6.27 13.61
N GLU A 239 13.06 5.84 14.68
CA GLU A 239 14.50 5.76 14.71
C GLU A 239 15.01 4.63 15.61
N ALA A 240 16.08 3.99 15.17
CA ALA A 240 16.67 2.92 15.96
C ALA A 240 17.13 3.61 17.25
N TYR A 241 16.88 2.98 18.39
CA TYR A 241 17.26 3.55 19.69
C TYR A 241 18.72 4.03 19.74
N GLU A 242 19.61 3.20 19.20
CA GLU A 242 21.03 3.50 19.18
C GLU A 242 21.32 4.79 18.42
N HIS A 243 20.70 4.92 17.26
CA HIS A 243 20.90 6.11 16.44
C HIS A 243 20.38 7.35 17.16
N ALA A 244 19.30 7.19 17.93
CA ALA A 244 18.72 8.31 18.66
C ALA A 244 19.60 8.77 19.82
N LYS A 245 20.04 7.84 20.67
CA LYS A 245 20.88 8.20 21.79
C LYS A 245 22.23 8.77 21.36
N LYS A 246 22.80 8.21 20.29
CA LYS A 246 24.09 8.67 19.79
C LYS A 246 24.08 10.12 19.32
N ARG A 247 22.91 10.66 19.02
CA ARG A 247 22.80 12.05 18.58
C ARG A 247 22.13 12.91 19.65
N GLY A 248 21.84 12.29 20.79
CA GLY A 248 21.22 12.99 21.90
C GLY A 248 19.78 13.42 21.69
N ALA A 249 19.04 12.65 20.89
CA ALA A 249 17.65 12.95 20.56
C ALA A 249 16.64 12.93 21.70
N ARG A 250 15.61 13.75 21.56
CA ARG A 250 14.55 13.78 22.56
C ARG A 250 13.66 12.62 22.14
N ILE A 251 13.43 11.68 23.04
CA ILE A 251 12.60 10.52 22.73
C ILE A 251 11.22 10.67 23.38
N TYR A 252 10.19 10.60 22.54
CA TYR A 252 8.82 10.74 23.03
C TYR A 252 8.30 9.46 23.65
N ALA A 253 8.70 8.34 23.08
CA ALA A 253 8.28 7.03 23.55
C ALA A 253 8.90 5.94 22.68
N GLU A 254 8.61 4.69 23.00
CA GLU A 254 9.13 3.59 22.22
C GLU A 254 7.98 2.84 21.56
N LEU A 255 8.14 2.51 20.28
CA LEU A 255 7.12 1.74 19.57
C LEU A 255 7.52 0.29 19.83
N VAL A 256 6.80 -0.37 20.74
CA VAL A 256 7.10 -1.74 21.13
C VAL A 256 6.26 -2.86 20.49
N GLY A 257 5.04 -2.54 20.06
CA GLY A 257 4.22 -3.59 19.48
C GLY A 257 3.44 -3.22 18.24
N PHE A 258 3.26 -4.22 17.37
CA PHE A 258 2.53 -4.07 16.12
C PHE A 258 1.68 -5.33 15.92
N GLY A 259 0.37 -5.16 15.84
CA GLY A 259 -0.50 -6.31 15.67
C GLY A 259 -1.53 -6.10 14.59
N ARG A 260 -1.70 -7.12 13.75
CA ARG A 260 -2.65 -7.04 12.66
C ARG A 260 -3.51 -8.29 12.51
N SER A 261 -4.70 -8.11 11.96
CA SER A 261 -5.61 -9.21 11.74
C SER A 261 -6.63 -8.78 10.68
N ALA A 262 -7.49 -9.71 10.27
CA ALA A 262 -8.52 -9.42 9.28
C ALA A 262 -9.85 -9.93 9.80
N ASP A 263 -10.89 -9.13 9.62
CA ASP A 263 -12.24 -9.52 10.04
C ASP A 263 -12.70 -10.67 9.18
N ALA A 264 -12.38 -10.58 7.89
CA ALA A 264 -12.79 -11.59 6.92
C ALA A 264 -14.29 -11.70 7.06
N HIS A 265 -14.97 -10.55 7.19
CA HIS A 265 -16.41 -10.51 7.39
C HIS A 265 -17.31 -9.87 6.33
N HIS A 266 -17.10 -8.58 6.07
CA HIS A 266 -17.93 -7.86 5.12
C HIS A 266 -17.15 -6.67 4.57
N ILE A 267 -17.50 -6.23 3.36
CA ILE A 267 -16.80 -5.10 2.74
C ILE A 267 -16.73 -3.81 3.55
N THR A 268 -17.85 -3.40 4.17
CA THR A 268 -17.86 -2.15 4.92
C THR A 268 -18.28 -2.28 6.39
N GLU A 269 -18.96 -3.37 6.73
CA GLU A 269 -19.42 -3.60 8.10
C GLU A 269 -18.39 -4.36 8.91
N PRO A 270 -18.03 -3.84 10.08
CA PRO A 270 -17.04 -4.55 10.89
C PRO A 270 -17.76 -5.69 11.60
N HIS A 271 -16.99 -6.69 12.04
CA HIS A 271 -17.56 -7.81 12.77
C HIS A 271 -18.27 -7.19 13.97
N PRO A 272 -19.59 -7.41 14.10
CA PRO A 272 -20.37 -6.85 15.21
C PRO A 272 -19.84 -7.17 16.61
N GLU A 273 -19.11 -8.27 16.73
CA GLU A 273 -18.56 -8.67 18.02
C GLU A 273 -17.09 -8.26 18.19
N GLY A 274 -16.54 -7.56 17.20
CA GLY A 274 -15.17 -7.11 17.28
C GLY A 274 -14.15 -8.23 17.37
N LYS A 275 -14.51 -9.39 16.82
CA LYS A 275 -13.66 -10.56 16.79
C LYS A 275 -12.31 -10.28 16.12
N GLY A 276 -12.32 -9.48 15.06
CA GLY A 276 -11.08 -9.15 14.38
C GLY A 276 -10.23 -8.17 15.20
N ALA A 277 -10.89 -7.16 15.75
CA ALA A 277 -10.21 -6.15 16.55
C ALA A 277 -9.59 -6.80 17.79
N ALA A 278 -10.31 -7.72 18.41
CA ALA A 278 -9.81 -8.41 19.60
C ALA A 278 -8.53 -9.15 19.23
N LEU A 279 -8.54 -9.79 18.07
CA LEU A 279 -7.39 -10.54 17.59
C LEU A 279 -6.19 -9.63 17.33
N ALA A 280 -6.42 -8.47 16.71
CA ALA A 280 -5.34 -7.53 16.42
C ALA A 280 -4.75 -6.93 17.71
N MET A 281 -5.59 -6.62 18.68
CA MET A 281 -5.08 -6.06 19.94
C MET A 281 -4.26 -7.14 20.66
N ALA A 282 -4.77 -8.36 20.67
CA ALA A 282 -4.08 -9.48 21.34
C ALA A 282 -2.71 -9.71 20.70
N ARG A 283 -2.64 -9.53 19.38
CA ARG A 283 -1.36 -9.71 18.69
C ARG A 283 -0.39 -8.57 18.98
N ALA A 284 -0.93 -7.38 19.25
CA ALA A 284 -0.08 -6.24 19.55
C ALA A 284 0.54 -6.43 20.93
N LEU A 285 -0.24 -6.97 21.86
CA LEU A 285 0.24 -7.24 23.20
C LEU A 285 1.32 -8.32 23.16
N LYS A 286 1.04 -9.40 22.46
CA LYS A 286 1.99 -10.51 22.32
C LYS A 286 3.30 -10.03 21.68
N ASP A 287 3.18 -9.26 20.59
CA ASP A 287 4.36 -8.73 19.90
C ASP A 287 5.20 -7.84 20.83
N ALA A 288 4.56 -7.04 21.67
CA ALA A 288 5.28 -6.16 22.59
C ALA A 288 5.73 -6.90 23.84
N GLY A 289 5.23 -8.12 24.02
CA GLY A 289 5.61 -8.92 25.18
C GLY A 289 5.03 -8.45 26.49
N ILE A 290 3.83 -7.89 26.46
CA ILE A 290 3.19 -7.41 27.70
C ILE A 290 1.82 -8.03 27.89
N ALA A 291 1.36 -7.99 29.13
CA ALA A 291 0.05 -8.55 29.48
C ALA A 291 -1.03 -7.48 29.48
N PRO A 292 -2.28 -7.88 29.22
CA PRO A 292 -3.40 -6.95 29.18
C PRO A 292 -3.43 -5.94 30.33
N GLU A 293 -3.06 -6.38 31.53
CA GLU A 293 -3.06 -5.49 32.70
C GLU A 293 -1.96 -4.45 32.74
N GLN A 294 -1.01 -4.53 31.83
CA GLN A 294 0.08 -3.57 31.78
C GLN A 294 -0.29 -2.34 30.97
N VAL A 295 -1.44 -2.39 30.32
CA VAL A 295 -1.90 -1.27 29.50
C VAL A 295 -2.81 -0.38 30.33
N GLY A 296 -2.57 0.93 30.25
CA GLY A 296 -3.39 1.88 31.00
C GLY A 296 -4.19 2.83 30.12
N TYR A 297 -3.85 2.87 28.82
CA TYR A 297 -4.56 3.73 27.88
C TYR A 297 -4.75 3.11 26.50
N ILE A 298 -5.91 3.37 25.89
CA ILE A 298 -6.21 2.88 24.55
C ILE A 298 -6.79 4.00 23.71
N ASN A 299 -6.07 4.41 22.67
CA ASN A 299 -6.60 5.44 21.80
C ASN A 299 -7.48 4.66 20.85
N ALA A 300 -8.78 4.67 21.14
CA ALA A 300 -9.75 3.94 20.35
C ALA A 300 -9.89 4.42 18.92
N HIS A 301 -10.49 3.55 18.10
CA HIS A 301 -10.76 3.85 16.71
C HIS A 301 -12.00 4.73 16.77
N GLY A 302 -12.96 4.32 17.60
CA GLY A 302 -14.20 5.02 17.81
C GLY A 302 -14.52 6.12 16.82
N THR A 303 -15.16 5.76 15.71
CA THR A 303 -15.50 6.73 14.67
C THR A 303 -16.87 7.35 14.87
N SER A 304 -17.59 6.86 15.88
CA SER A 304 -18.93 7.34 16.23
C SER A 304 -20.04 6.66 15.42
N THR A 305 -19.94 5.34 15.30
CA THR A 305 -20.94 4.57 14.58
C THR A 305 -21.55 3.54 15.53
N PRO A 306 -22.85 3.27 15.41
CA PRO A 306 -23.51 2.29 16.27
C PRO A 306 -22.78 0.95 16.37
N VAL A 307 -22.68 0.24 15.25
CA VAL A 307 -22.04 -1.08 15.23
C VAL A 307 -20.54 -1.06 15.53
N GLY A 308 -19.82 -0.13 14.91
CA GLY A 308 -18.39 -0.03 15.12
C GLY A 308 -17.97 0.32 16.55
N ASP A 309 -18.51 1.40 17.10
CA ASP A 309 -18.16 1.81 18.45
C ASP A 309 -18.40 0.68 19.47
N ARG A 310 -19.43 -0.14 19.23
CA ARG A 310 -19.75 -1.26 20.12
C ARG A 310 -18.82 -2.46 19.90
N ALA A 311 -18.51 -2.75 18.64
CA ALA A 311 -17.63 -3.87 18.32
C ALA A 311 -16.29 -3.68 18.99
N GLU A 312 -15.82 -2.44 19.05
CA GLU A 312 -14.55 -2.11 19.67
C GLU A 312 -14.60 -2.36 21.17
N VAL A 313 -15.60 -1.80 21.84
CA VAL A 313 -15.75 -1.98 23.28
C VAL A 313 -15.85 -3.47 23.64
N LEU A 314 -16.68 -4.21 22.90
CA LEU A 314 -16.83 -5.64 23.14
C LEU A 314 -15.48 -6.35 22.97
N ALA A 315 -14.69 -5.87 22.02
CA ALA A 315 -13.37 -6.46 21.75
C ALA A 315 -12.40 -6.11 22.88
N ILE A 316 -12.55 -4.91 23.44
CA ILE A 316 -11.68 -4.49 24.53
C ILE A 316 -12.01 -5.32 25.77
N LYS A 317 -13.29 -5.40 26.11
CA LYS A 317 -13.71 -6.17 27.27
C LYS A 317 -13.29 -7.63 27.13
N ARG A 318 -13.23 -8.11 25.89
CA ARG A 318 -12.84 -9.49 25.65
C ARG A 318 -11.36 -9.73 25.88
N VAL A 319 -10.52 -8.80 25.44
CA VAL A 319 -9.08 -8.93 25.59
C VAL A 319 -8.56 -8.53 26.96
N PHE A 320 -9.21 -7.55 27.59
CA PHE A 320 -8.75 -7.07 28.88
C PHE A 320 -9.56 -7.55 30.10
N GLY A 321 -10.64 -8.26 29.85
CA GLY A 321 -11.48 -8.76 30.94
C GLY A 321 -11.62 -7.87 32.16
N ASP A 322 -11.23 -8.39 33.32
CA ASP A 322 -11.33 -7.65 34.58
C ASP A 322 -10.59 -6.32 34.53
N HIS A 323 -9.60 -6.22 33.65
CA HIS A 323 -8.81 -5.00 33.54
C HIS A 323 -9.46 -3.88 32.73
N ALA A 324 -10.35 -4.25 31.82
CA ALA A 324 -11.05 -3.28 30.97
C ALA A 324 -11.62 -2.13 31.79
N LYS A 325 -12.16 -2.47 32.96
CA LYS A 325 -12.77 -1.48 33.84
C LYS A 325 -11.76 -0.50 34.43
N ARG A 326 -10.48 -0.84 34.36
CA ARG A 326 -9.43 0.02 34.90
C ARG A 326 -8.73 0.81 33.80
N LEU A 327 -9.11 0.56 32.55
CA LEU A 327 -8.52 1.23 31.41
C LEU A 327 -9.09 2.62 31.21
N MET A 328 -8.37 3.43 30.46
CA MET A 328 -8.84 4.77 30.10
C MET A 328 -8.87 4.71 28.59
N VAL A 329 -10.00 5.07 28.00
CA VAL A 329 -10.13 5.03 26.55
C VAL A 329 -10.67 6.36 26.06
N SER A 330 -10.03 6.92 25.03
CA SER A 330 -10.52 8.18 24.48
C SER A 330 -10.39 8.17 22.97
N SER A 331 -11.31 8.88 22.30
CA SER A 331 -11.29 8.94 20.85
C SER A 331 -10.92 10.32 20.37
N THR A 332 -9.80 10.40 19.66
CA THR A 332 -9.32 11.66 19.10
C THR A 332 -10.37 12.14 18.08
N LYS A 333 -10.99 11.18 17.40
CA LYS A 333 -11.99 11.48 16.38
C LYS A 333 -13.15 12.34 16.86
N SER A 334 -13.30 12.45 18.18
CA SER A 334 -14.35 13.27 18.74
C SER A 334 -14.02 14.73 18.42
N MET A 335 -12.72 15.02 18.35
CA MET A 335 -12.26 16.38 18.06
C MET A 335 -11.90 16.69 16.61
N ILE A 336 -11.17 15.79 15.95
CA ILE A 336 -10.74 16.03 14.57
C ILE A 336 -11.48 15.21 13.53
N GLY A 337 -12.42 14.37 13.97
CA GLY A 337 -13.14 13.56 13.01
C GLY A 337 -12.30 12.37 12.55
N HIS A 338 -12.68 11.77 11.43
CA HIS A 338 -11.98 10.61 10.90
C HIS A 338 -11.12 11.01 9.71
N LEU A 339 -9.81 10.92 9.89
CA LEU A 339 -8.89 11.30 8.83
C LEU A 339 -8.56 10.17 7.87
N LEU A 340 -9.42 9.15 7.86
CA LEU A 340 -9.23 8.02 6.96
C LEU A 340 -7.80 7.50 6.95
N GLY A 341 -7.13 7.64 5.81
CA GLY A 341 -5.75 7.18 5.69
C GLY A 341 -4.77 7.84 6.64
N ALA A 342 -5.10 9.04 7.12
CA ALA A 342 -4.23 9.76 8.03
C ALA A 342 -4.58 9.48 9.49
N ALA A 343 -5.79 8.97 9.73
CA ALA A 343 -6.26 8.68 11.09
C ALA A 343 -5.27 7.94 11.99
N GLY A 344 -4.78 6.79 11.53
CA GLY A 344 -3.85 6.00 12.33
C GLY A 344 -2.56 6.71 12.67
N ALA A 345 -2.09 7.56 11.77
CA ALA A 345 -0.86 8.33 11.98
C ALA A 345 -1.05 9.46 13.00
N VAL A 346 -2.05 10.31 12.78
CA VAL A 346 -2.31 11.41 13.70
C VAL A 346 -2.72 10.94 15.10
N GLU A 347 -3.42 9.81 15.15
CA GLU A 347 -3.85 9.23 16.42
C GLU A 347 -2.67 8.61 17.15
N ALA A 348 -1.67 8.17 16.39
CA ALA A 348 -0.49 7.59 16.98
C ALA A 348 0.26 8.75 17.61
N ILE A 349 0.20 9.92 16.98
CA ILE A 349 0.86 11.10 17.52
C ILE A 349 0.22 11.47 18.86
N ALA A 350 -1.11 11.49 18.90
CA ALA A 350 -1.84 11.81 20.11
C ALA A 350 -1.51 10.80 21.20
N THR A 351 -1.41 9.53 20.82
CA THR A 351 -1.11 8.46 21.77
C THR A 351 0.29 8.58 22.33
N VAL A 352 1.24 8.98 21.48
CA VAL A 352 2.62 9.16 21.92
C VAL A 352 2.70 10.39 22.83
N GLN A 353 1.91 11.43 22.52
CA GLN A 353 1.88 12.66 23.30
C GLN A 353 1.31 12.43 24.70
N ALA A 354 0.33 11.54 24.82
CA ALA A 354 -0.28 11.24 26.11
C ALA A 354 0.74 10.54 27.03
N LEU A 355 1.59 9.69 26.47
CA LEU A 355 2.59 8.98 27.26
C LEU A 355 3.69 9.93 27.70
N TYR A 356 4.20 10.70 26.74
CA TYR A 356 5.26 11.67 26.96
C TYR A 356 4.88 12.77 27.96
N HIS A 357 3.70 13.35 27.80
CA HIS A 357 3.22 14.44 28.66
C HIS A 357 2.53 14.00 29.95
N GLY A 358 2.14 12.73 30.03
CA GLY A 358 1.48 12.26 31.22
C GLY A 358 0.06 12.79 31.40
N VAL A 359 -0.61 13.08 30.29
CA VAL A 359 -1.99 13.58 30.33
C VAL A 359 -2.73 12.83 29.23
N ILE A 360 -3.93 12.36 29.55
CA ILE A 360 -4.73 11.62 28.60
C ILE A 360 -5.74 12.52 27.93
N PRO A 361 -5.76 12.53 26.58
CA PRO A 361 -6.70 13.37 25.83
C PRO A 361 -8.12 12.89 26.04
N PRO A 362 -9.09 13.82 26.05
CA PRO A 362 -10.52 13.50 26.26
C PRO A 362 -11.30 13.09 25.02
N THR A 363 -12.48 12.54 25.28
CA THR A 363 -13.40 12.17 24.21
C THR A 363 -14.48 13.21 24.44
N ILE A 364 -14.49 14.27 23.63
CA ILE A 364 -15.51 15.31 23.80
C ILE A 364 -16.88 14.85 23.30
N ASN A 365 -17.89 15.67 23.57
CA ASN A 365 -19.26 15.39 23.15
C ASN A 365 -19.89 14.18 23.82
N LEU A 366 -19.23 13.67 24.87
CA LEU A 366 -19.73 12.51 25.60
C LEU A 366 -20.86 12.97 26.54
N GLU A 367 -21.87 13.64 25.98
CA GLU A 367 -22.99 14.17 26.74
C GLU A 367 -23.96 13.07 27.20
N ASP A 368 -24.31 12.19 26.26
CA ASP A 368 -25.24 11.09 26.52
C ASP A 368 -24.51 9.76 26.36
N PRO A 369 -23.61 9.43 27.29
CA PRO A 369 -22.88 8.16 27.20
C PRO A 369 -23.79 6.95 27.14
N ASP A 370 -23.40 5.95 26.36
CA ASP A 370 -24.16 4.72 26.20
C ASP A 370 -23.80 3.78 27.35
N PRO A 371 -24.80 3.40 28.17
CA PRO A 371 -24.58 2.50 29.31
C PRO A 371 -24.12 1.10 28.95
N GLU A 372 -24.45 0.63 27.75
CA GLU A 372 -24.05 -0.71 27.32
C GLU A 372 -22.53 -0.80 27.18
N LEU A 373 -21.88 0.34 27.01
CA LEU A 373 -20.42 0.40 26.86
C LEU A 373 -19.82 1.00 28.14
N ASP A 374 -19.71 0.18 29.17
CA ASP A 374 -19.20 0.64 30.47
C ASP A 374 -17.68 0.75 30.60
N LEU A 375 -17.08 1.65 29.82
CA LEU A 375 -15.65 1.85 29.90
C LEU A 375 -15.42 3.32 30.22
N ASP A 376 -14.25 3.62 30.77
CA ASP A 376 -13.92 5.01 31.11
C ASP A 376 -13.45 5.70 29.83
N PHE A 377 -14.32 6.53 29.25
CA PHE A 377 -14.00 7.23 28.00
C PHE A 377 -13.37 8.62 28.15
N VAL A 378 -12.90 8.94 29.36
CA VAL A 378 -12.24 10.21 29.63
C VAL A 378 -12.95 11.46 29.06
N PRO A 379 -14.08 11.84 29.66
CA PRO A 379 -14.82 13.03 29.18
C PRO A 379 -14.00 14.32 29.31
N GLU A 380 -13.00 14.29 30.19
CA GLU A 380 -12.12 15.44 30.43
C GLU A 380 -10.67 14.99 30.52
N PRO A 381 -9.73 15.83 30.06
CA PRO A 381 -8.29 15.51 30.10
C PRO A 381 -7.90 15.05 31.50
N ARG A 382 -7.06 14.05 31.60
CA ARG A 382 -6.66 13.54 32.91
C ARG A 382 -5.18 13.28 33.07
N GLU A 383 -4.61 13.82 34.15
CA GLU A 383 -3.20 13.62 34.46
C GLU A 383 -3.05 12.15 34.85
N ALA A 384 -2.24 11.43 34.10
CA ALA A 384 -2.02 10.02 34.37
C ALA A 384 -0.70 9.57 33.74
N LYS A 385 0.05 8.78 34.49
CA LYS A 385 1.34 8.28 34.04
C LYS A 385 1.27 6.80 33.68
N VAL A 386 0.87 6.49 32.44
CA VAL A 386 0.78 5.11 32.01
C VAL A 386 2.11 4.63 31.45
N ASP A 387 2.34 3.32 31.51
CA ASP A 387 3.58 2.73 30.99
C ASP A 387 3.37 2.20 29.58
N TYR A 388 2.15 1.75 29.31
CA TYR A 388 1.78 1.19 28.02
C TYR A 388 0.41 1.67 27.53
N ALA A 389 0.30 1.86 26.22
CA ALA A 389 -0.93 2.32 25.58
C ALA A 389 -1.07 1.71 24.19
N LEU A 390 -2.32 1.48 23.77
CA LEU A 390 -2.58 0.96 22.44
C LEU A 390 -3.24 2.03 21.59
N SER A 391 -3.07 1.90 20.27
CA SER A 391 -3.67 2.79 19.29
C SER A 391 -4.40 1.88 18.30
N ASN A 392 -5.73 1.94 18.30
CA ASN A 392 -6.52 1.08 17.42
C ASN A 392 -6.96 1.67 16.09
N SER A 393 -7.02 0.80 15.09
CA SER A 393 -7.45 1.17 13.74
C SER A 393 -8.12 -0.06 13.10
N PHE A 394 -9.46 -0.01 12.99
CA PHE A 394 -10.25 -1.10 12.43
C PHE A 394 -11.00 -0.60 11.20
N ALA A 395 -10.39 -0.79 10.03
CA ALA A 395 -10.86 -0.30 8.74
C ALA A 395 -11.91 -1.03 7.91
N PHE A 396 -12.38 -0.32 6.89
CA PHE A 396 -13.33 -0.83 5.90
C PHE A 396 -12.55 -1.95 5.20
N GLY A 397 -13.20 -3.07 4.93
CA GLY A 397 -12.52 -4.18 4.29
C GLY A 397 -12.26 -5.26 5.32
N GLY A 398 -11.99 -4.84 6.54
CA GLY A 398 -11.73 -5.78 7.61
C GLY A 398 -10.31 -5.73 8.12
N HIS A 399 -9.53 -4.77 7.64
CA HIS A 399 -8.13 -4.62 8.04
C HIS A 399 -8.04 -4.02 9.44
N ASN A 400 -7.40 -4.76 10.35
CA ASN A 400 -7.24 -4.31 11.73
C ASN A 400 -5.76 -4.17 12.01
N ALA A 401 -5.37 -2.99 12.50
CA ALA A 401 -3.99 -2.72 12.82
C ALA A 401 -3.94 -2.02 14.17
N VAL A 402 -3.09 -2.53 15.05
CA VAL A 402 -2.94 -1.98 16.39
C VAL A 402 -1.46 -1.72 16.73
N LEU A 403 -1.19 -0.57 17.33
CA LEU A 403 0.16 -0.23 17.72
C LEU A 403 0.21 -0.15 19.24
N ALA A 404 1.32 -0.60 19.81
CA ALA A 404 1.54 -0.58 21.24
C ALA A 404 2.73 0.33 21.53
N PHE A 405 2.51 1.33 22.37
CA PHE A 405 3.55 2.27 22.73
C PHE A 405 3.96 2.13 24.19
N LYS A 406 5.24 2.31 24.46
CA LYS A 406 5.77 2.21 25.82
C LYS A 406 6.38 3.53 26.27
N ARG A 407 6.02 3.95 27.47
CA ARG A 407 6.55 5.20 28.04
C ARG A 407 8.02 5.01 28.37
N VAL A 408 8.85 5.90 27.85
CA VAL A 408 10.29 5.84 28.09
C VAL A 408 10.63 6.75 29.27
N MET B 1 15.12 -16.75 12.09
CA MET B 1 14.01 -16.52 11.12
C MET B 1 13.80 -17.76 10.26
N ARG B 2 12.56 -18.23 10.21
CA ARG B 2 12.22 -19.39 9.43
C ARG B 2 12.52 -19.12 7.96
N ARG B 3 12.77 -20.18 7.21
CA ARG B 3 13.00 -20.06 5.78
C ARG B 3 11.60 -19.95 5.17
N VAL B 4 11.48 -19.27 4.03
CA VAL B 4 10.19 -19.14 3.37
C VAL B 4 10.33 -19.67 1.96
N VAL B 5 9.40 -20.53 1.56
CA VAL B 5 9.43 -21.10 0.22
C VAL B 5 8.13 -20.80 -0.50
N VAL B 6 8.17 -20.97 -1.82
CA VAL B 6 7.03 -20.75 -2.68
C VAL B 6 6.42 -22.12 -2.97
N THR B 7 5.19 -22.34 -2.54
CA THR B 7 4.55 -23.63 -2.74
C THR B 7 3.33 -23.65 -3.65
N GLY B 8 2.92 -22.47 -4.12
CA GLY B 8 1.76 -22.40 -4.98
C GLY B 8 1.89 -21.20 -5.92
N LEU B 9 1.45 -21.36 -7.16
CA LEU B 9 1.53 -20.28 -8.13
C LEU B 9 0.19 -20.07 -8.80
N GLY B 10 -0.36 -18.88 -8.64
CA GLY B 10 -1.62 -18.54 -9.27
C GLY B 10 -1.32 -17.50 -10.33
N ALA B 11 -1.36 -17.88 -11.60
CA ALA B 11 -1.07 -16.93 -12.66
C ALA B 11 -2.24 -16.69 -13.60
N LEU B 12 -2.57 -15.41 -13.74
CA LEU B 12 -3.63 -14.94 -14.61
C LEU B 12 -2.96 -13.93 -15.53
N THR B 13 -2.49 -14.41 -16.68
CA THR B 13 -1.77 -13.57 -17.64
C THR B 13 -2.30 -13.52 -19.06
N PRO B 14 -1.83 -12.53 -19.84
CA PRO B 14 -2.21 -12.29 -21.24
C PRO B 14 -1.87 -13.47 -22.16
N ILE B 15 -1.01 -14.39 -21.71
CA ILE B 15 -0.65 -15.53 -22.54
C ILE B 15 -0.98 -16.87 -21.88
N GLY B 16 -1.79 -16.83 -20.84
CA GLY B 16 -2.14 -18.07 -20.19
C GLY B 16 -2.76 -17.90 -18.83
N VAL B 17 -3.86 -18.64 -18.61
CA VAL B 17 -4.54 -18.62 -17.33
C VAL B 17 -4.08 -19.91 -16.67
N GLY B 18 -3.44 -19.80 -15.51
CA GLY B 18 -2.92 -20.98 -14.84
C GLY B 18 -1.41 -20.93 -15.00
N GLN B 19 -0.67 -21.22 -13.93
CA GLN B 19 0.79 -21.15 -13.99
C GLN B 19 1.39 -22.07 -15.05
N GLU B 20 0.76 -23.22 -15.28
CA GLU B 20 1.26 -24.17 -16.28
C GLU B 20 1.07 -23.66 -17.70
N ALA B 21 -0.12 -23.14 -18.01
CA ALA B 21 -0.38 -22.62 -19.34
C ALA B 21 0.57 -21.43 -19.58
N PHE B 22 0.83 -20.67 -18.53
CA PHE B 22 1.73 -19.51 -18.61
C PHE B 22 3.18 -19.94 -18.91
N HIS B 23 3.63 -21.04 -18.32
CA HIS B 23 5.00 -21.52 -18.55
C HIS B 23 5.20 -22.07 -19.96
N LYS B 24 4.23 -22.84 -20.46
CA LYS B 24 4.34 -23.38 -21.81
C LYS B 24 4.37 -22.24 -22.82
N ALA B 25 3.56 -21.21 -22.57
CA ALA B 25 3.50 -20.07 -23.46
C ALA B 25 4.84 -19.34 -23.46
N GLN B 26 5.44 -19.22 -22.29
CA GLN B 26 6.73 -18.55 -22.13
C GLN B 26 7.80 -19.20 -23.00
N LEU B 27 7.92 -20.52 -22.88
CA LEU B 27 8.93 -21.26 -23.62
C LEU B 27 8.65 -21.29 -25.13
N ALA B 28 7.40 -21.05 -25.50
CA ALA B 28 7.03 -21.02 -26.91
C ALA B 28 7.23 -19.60 -27.44
N GLY B 29 7.57 -18.68 -26.54
CA GLY B 29 7.79 -17.30 -26.92
C GLY B 29 6.53 -16.66 -27.47
N LYS B 30 5.38 -17.00 -26.88
CA LYS B 30 4.10 -16.47 -27.31
C LYS B 30 3.92 -15.02 -26.91
N SER B 31 3.20 -14.27 -27.75
CA SER B 31 2.93 -12.87 -27.44
C SER B 31 1.47 -12.74 -27.01
N GLY B 32 1.23 -11.92 -25.99
CA GLY B 32 -0.12 -11.69 -25.53
C GLY B 32 -0.57 -10.29 -25.92
N VAL B 33 0.17 -9.64 -26.82
CA VAL B 33 -0.19 -8.29 -27.26
C VAL B 33 -1.06 -8.33 -28.51
N ARG B 34 -2.15 -7.57 -28.52
CA ARG B 34 -3.06 -7.55 -29.66
C ARG B 34 -3.87 -6.25 -29.71
N PRO B 35 -4.63 -6.03 -30.79
CA PRO B 35 -5.39 -4.79 -30.82
C PRO B 35 -6.39 -4.83 -29.67
N ILE B 36 -6.61 -3.68 -29.04
CA ILE B 36 -7.52 -3.61 -27.92
C ILE B 36 -8.95 -4.03 -28.28
N THR B 37 -9.51 -4.93 -27.47
CA THR B 37 -10.88 -5.40 -27.70
C THR B 37 -11.76 -5.07 -26.50
N ARG B 38 -11.12 -4.68 -25.39
CA ARG B 38 -11.84 -4.33 -24.16
C ARG B 38 -12.79 -3.16 -24.41
N PHE B 39 -12.37 -2.22 -25.26
CA PHE B 39 -13.20 -1.06 -25.59
C PHE B 39 -12.81 -0.53 -26.97
N ASP B 40 -13.59 0.41 -27.49
CA ASP B 40 -13.28 0.98 -28.81
C ASP B 40 -12.14 1.97 -28.59
N ALA B 41 -10.94 1.59 -29.04
CA ALA B 41 -9.77 2.44 -28.85
C ALA B 41 -9.39 3.27 -30.08
N SER B 42 -10.29 3.35 -31.05
CA SER B 42 -10.03 4.07 -32.29
C SER B 42 -9.58 5.53 -32.15
N ALA B 43 -10.00 6.19 -31.09
CA ALA B 43 -9.65 7.59 -30.85
C ALA B 43 -8.35 7.74 -30.09
N LEU B 44 -7.73 6.62 -29.73
CA LEU B 44 -6.47 6.65 -28.98
C LEU B 44 -5.27 6.53 -29.88
N PRO B 45 -4.13 7.09 -29.46
CA PRO B 45 -2.88 7.04 -30.24
C PRO B 45 -2.20 5.68 -30.00
N VAL B 46 -2.68 4.96 -28.97
CA VAL B 46 -2.17 3.63 -28.60
C VAL B 46 -3.39 2.72 -28.61
N ARG B 47 -3.43 1.78 -29.55
CA ARG B 47 -4.59 0.91 -29.67
C ARG B 47 -4.27 -0.57 -29.53
N ILE B 48 -3.26 -0.88 -28.73
CA ILE B 48 -2.86 -2.27 -28.50
C ILE B 48 -2.62 -2.47 -27.01
N ALA B 49 -2.63 -3.73 -26.59
CA ALA B 49 -2.42 -4.03 -25.18
C ALA B 49 -2.41 -5.54 -24.99
N ALA B 50 -1.86 -5.97 -23.85
CA ALA B 50 -1.80 -7.38 -23.53
C ALA B 50 -3.02 -7.71 -22.66
N GLU B 51 -4.10 -8.10 -23.31
CA GLU B 51 -5.34 -8.42 -22.60
C GLU B 51 -5.41 -9.87 -22.12
N VAL B 52 -6.14 -10.08 -21.03
CA VAL B 52 -6.32 -11.42 -20.48
C VAL B 52 -7.69 -11.93 -20.92
N ASP B 53 -7.75 -13.21 -21.29
CA ASP B 53 -9.00 -13.84 -21.67
C ASP B 53 -9.32 -14.85 -20.58
N VAL B 54 -10.36 -14.56 -19.81
CA VAL B 54 -10.77 -15.45 -18.73
C VAL B 54 -12.22 -15.13 -18.42
N ASP B 55 -12.94 -16.10 -17.88
CA ASP B 55 -14.32 -15.91 -17.51
C ASP B 55 -14.43 -16.01 -15.98
N PRO B 56 -14.53 -14.87 -15.29
CA PRO B 56 -14.64 -14.84 -13.83
C PRO B 56 -15.77 -15.72 -13.31
N GLY B 57 -16.78 -15.91 -14.15
CA GLY B 57 -17.92 -16.72 -13.76
C GLY B 57 -17.57 -18.19 -13.58
N ALA B 58 -16.37 -18.56 -14.02
CA ALA B 58 -15.92 -19.94 -13.88
C ALA B 58 -15.31 -20.16 -12.50
N TYR B 59 -14.99 -19.05 -11.83
CA TYR B 59 -14.39 -19.13 -10.50
C TYR B 59 -15.26 -18.55 -9.41
N LEU B 60 -15.88 -17.41 -9.70
CA LEU B 60 -16.72 -16.72 -8.73
C LEU B 60 -18.20 -16.78 -9.06
N ASP B 61 -19.04 -16.45 -8.09
CA ASP B 61 -20.48 -16.46 -8.29
C ASP B 61 -20.89 -15.24 -9.11
N ARG B 62 -21.41 -15.50 -10.30
CA ARG B 62 -21.81 -14.44 -11.22
C ARG B 62 -22.70 -13.33 -10.68
N LYS B 63 -23.39 -13.57 -9.57
CA LYS B 63 -24.25 -12.52 -9.02
C LYS B 63 -23.43 -11.49 -8.24
N GLU B 64 -22.32 -11.94 -7.67
CA GLU B 64 -21.46 -11.04 -6.89
C GLU B 64 -20.44 -10.31 -7.76
N LEU B 65 -20.37 -10.68 -9.04
CA LEU B 65 -19.43 -10.04 -9.95
C LEU B 65 -19.85 -8.61 -10.27
N ARG B 66 -21.16 -8.34 -10.15
CA ARG B 66 -21.70 -7.01 -10.42
C ARG B 66 -21.10 -5.97 -9.47
N ARG B 67 -20.73 -6.41 -8.28
CA ARG B 67 -20.17 -5.51 -7.30
C ARG B 67 -18.67 -5.67 -7.04
N LEU B 68 -17.97 -6.29 -7.98
CA LEU B 68 -16.53 -6.47 -7.85
C LEU B 68 -15.84 -5.83 -9.05
N ASP B 69 -14.88 -4.95 -8.78
CA ASP B 69 -14.14 -4.31 -9.86
C ASP B 69 -13.25 -5.39 -10.47
N ARG B 70 -12.90 -5.20 -11.73
CA ARG B 70 -12.07 -6.15 -12.44
C ARG B 70 -10.75 -6.49 -11.71
N PHE B 71 -10.10 -5.51 -11.07
CA PHE B 71 -8.84 -5.82 -10.40
C PHE B 71 -9.04 -6.80 -9.24
N VAL B 72 -10.18 -6.70 -8.56
CA VAL B 72 -10.50 -7.61 -7.46
C VAL B 72 -10.85 -9.00 -8.00
N GLN B 73 -11.56 -9.02 -9.12
CA GLN B 73 -11.95 -10.28 -9.75
C GLN B 73 -10.69 -11.07 -10.12
N TYR B 74 -9.73 -10.36 -10.73
CA TYR B 74 -8.46 -10.96 -11.15
C TYR B 74 -7.69 -11.52 -9.98
N ALA B 75 -7.69 -10.77 -8.88
CA ALA B 75 -6.96 -11.19 -7.68
C ALA B 75 -7.56 -12.47 -7.09
N LEU B 76 -8.89 -12.57 -7.12
CA LEU B 76 -9.57 -13.74 -6.59
C LEU B 76 -9.28 -14.96 -7.45
N ILE B 77 -9.32 -14.78 -8.77
CA ILE B 77 -9.04 -15.89 -9.68
C ILE B 77 -7.63 -16.42 -9.44
N ALA B 78 -6.66 -15.52 -9.39
CA ALA B 78 -5.28 -15.89 -9.16
C ALA B 78 -5.13 -16.54 -7.77
N ALA B 79 -5.79 -15.98 -6.78
CA ALA B 79 -5.70 -16.55 -5.44
C ALA B 79 -6.27 -17.97 -5.43
N GLN B 80 -7.39 -18.18 -6.11
CA GLN B 80 -7.99 -19.51 -6.17
C GLN B 80 -7.02 -20.48 -6.87
N LEU B 81 -6.42 -20.01 -7.96
CA LEU B 81 -5.47 -20.81 -8.72
C LEU B 81 -4.23 -21.16 -7.90
N ALA B 82 -3.80 -20.23 -7.04
CA ALA B 82 -2.62 -20.46 -6.23
C ALA B 82 -2.88 -21.52 -5.16
N LEU B 83 -4.04 -21.45 -4.51
CA LEU B 83 -4.39 -22.43 -3.48
C LEU B 83 -4.51 -23.83 -4.08
N GLU B 84 -5.10 -23.92 -5.26
CA GLU B 84 -5.25 -25.20 -5.94
C GLU B 84 -3.86 -25.72 -6.33
N ASP B 85 -3.02 -24.82 -6.82
CA ASP B 85 -1.67 -25.18 -7.22
C ASP B 85 -0.81 -25.59 -6.03
N ALA B 86 -1.19 -25.12 -4.85
CA ALA B 86 -0.45 -25.47 -3.63
C ALA B 86 -1.06 -26.72 -3.00
N GLY B 87 -2.15 -27.20 -3.58
CA GLY B 87 -2.82 -28.38 -3.05
C GLY B 87 -3.43 -28.08 -1.70
N LEU B 88 -4.08 -26.93 -1.59
CA LEU B 88 -4.68 -26.54 -0.33
C LEU B 88 -6.15 -26.18 -0.34
N LYS B 89 -6.85 -26.67 0.67
CA LYS B 89 -8.27 -26.40 0.86
C LYS B 89 -8.31 -25.41 2.01
N PRO B 90 -9.19 -24.39 1.92
CA PRO B 90 -9.30 -23.38 2.97
C PRO B 90 -9.37 -23.95 4.38
N GLU B 91 -9.92 -25.16 4.53
CA GLU B 91 -10.05 -25.76 5.86
C GLU B 91 -8.87 -26.64 6.28
N ASP B 92 -7.84 -26.73 5.44
CA ASP B 92 -6.67 -27.53 5.79
C ASP B 92 -5.63 -26.62 6.44
N LEU B 93 -6.03 -25.41 6.79
CA LEU B 93 -5.11 -24.45 7.40
C LEU B 93 -5.72 -23.79 8.62
N ASP B 94 -4.86 -23.22 9.46
CA ASP B 94 -5.32 -22.50 10.63
C ASP B 94 -5.63 -21.11 10.07
N PRO B 95 -6.92 -20.78 9.93
CA PRO B 95 -7.31 -19.47 9.38
C PRO B 95 -6.57 -18.27 9.98
N GLU B 96 -6.32 -18.33 11.29
CA GLU B 96 -5.62 -17.23 11.96
C GLU B 96 -4.17 -17.11 11.53
N ARG B 97 -3.61 -18.19 11.00
CA ARG B 97 -2.21 -18.19 10.59
C ARG B 97 -1.97 -17.93 9.11
N VAL B 98 -3.02 -17.53 8.40
CA VAL B 98 -2.88 -17.24 6.97
C VAL B 98 -3.06 -15.75 6.77
N GLY B 99 -2.12 -15.13 6.07
CA GLY B 99 -2.22 -13.70 5.79
C GLY B 99 -2.52 -13.45 4.33
N THR B 100 -2.90 -12.21 4.01
CA THR B 100 -3.21 -11.84 2.63
C THR B 100 -2.48 -10.54 2.31
N LEU B 101 -1.82 -10.51 1.16
CA LEU B 101 -1.10 -9.31 0.77
C LEU B 101 -0.99 -9.19 -0.74
N VAL B 102 -2.06 -8.69 -1.36
CA VAL B 102 -2.06 -8.52 -2.80
C VAL B 102 -2.17 -7.04 -3.11
N GLY B 103 -1.14 -6.51 -3.75
CA GLY B 103 -1.15 -5.10 -4.07
C GLY B 103 -1.71 -4.82 -5.44
N THR B 104 -1.75 -3.53 -5.78
CA THR B 104 -2.22 -3.04 -7.06
C THR B 104 -1.67 -1.63 -7.15
N GLY B 105 -1.45 -1.13 -8.37
CA GLY B 105 -0.91 0.20 -8.50
C GLY B 105 -1.99 1.28 -8.66
N ILE B 106 -3.16 0.87 -9.12
CA ILE B 106 -4.25 1.82 -9.34
C ILE B 106 -5.60 1.40 -8.74
N GLY B 107 -5.83 0.10 -8.61
CA GLY B 107 -7.10 -0.33 -8.05
C GLY B 107 -8.27 -0.33 -9.03
N GLY B 108 -9.45 0.08 -8.54
CA GLY B 108 -10.65 0.05 -9.38
C GLY B 108 -10.78 1.05 -10.52
N MET B 109 -9.87 0.98 -11.48
CA MET B 109 -9.88 1.88 -12.63
C MET B 109 -11.23 1.95 -13.36
N GLU B 110 -11.85 0.80 -13.63
CA GLU B 110 -13.14 0.80 -14.32
C GLU B 110 -14.22 1.46 -13.47
N THR B 111 -14.17 1.21 -12.17
CA THR B 111 -15.13 1.78 -11.24
C THR B 111 -14.97 3.29 -11.23
N TRP B 112 -13.73 3.76 -11.19
CA TRP B 112 -13.47 5.19 -11.20
C TRP B 112 -14.09 5.84 -12.44
N GLU B 113 -13.88 5.24 -13.61
CA GLU B 113 -14.44 5.80 -14.85
C GLU B 113 -15.97 5.86 -14.83
N ALA B 114 -16.60 4.74 -14.49
CA ALA B 114 -18.06 4.68 -14.48
C ALA B 114 -18.69 5.60 -13.46
N GLN B 115 -18.07 5.70 -12.27
CA GLN B 115 -18.62 6.54 -11.22
C GLN B 115 -18.28 8.03 -11.31
N SER B 116 -17.13 8.35 -11.89
CA SER B 116 -16.76 9.75 -12.01
C SER B 116 -17.68 10.35 -13.06
N ARG B 117 -18.15 9.50 -13.96
CA ARG B 117 -19.05 9.93 -15.04
C ARG B 117 -20.43 10.19 -14.43
N VAL B 118 -20.87 9.30 -13.54
CA VAL B 118 -22.15 9.44 -12.87
C VAL B 118 -22.10 10.75 -12.08
N PHE B 119 -21.05 10.92 -11.30
CA PHE B 119 -20.87 12.12 -10.50
C PHE B 119 -21.01 13.39 -11.34
N LEU B 120 -20.25 13.45 -12.42
CA LEU B 120 -20.27 14.62 -13.30
C LEU B 120 -21.58 14.85 -14.05
N GLU B 121 -22.22 13.77 -14.47
CA GLU B 121 -23.46 13.88 -15.23
C GLU B 121 -24.75 13.83 -14.42
N ARG B 122 -24.69 13.21 -13.25
CA ARG B 122 -25.90 13.10 -12.43
C ARG B 122 -25.81 13.73 -11.05
N GLY B 123 -24.61 14.09 -10.62
CA GLY B 123 -24.45 14.70 -9.32
C GLY B 123 -23.92 13.72 -8.27
N PRO B 124 -23.29 14.24 -7.20
CA PRO B 124 -22.73 13.44 -6.11
C PRO B 124 -23.72 12.64 -5.30
N ASN B 125 -25.02 12.85 -5.52
CA ASN B 125 -26.02 12.09 -4.76
C ASN B 125 -26.53 10.92 -5.60
N ARG B 126 -26.02 10.79 -6.82
CA ARG B 126 -26.40 9.71 -7.71
C ARG B 126 -25.32 8.63 -7.68
N ILE B 127 -24.20 8.94 -7.04
CA ILE B 127 -23.08 8.01 -6.91
C ILE B 127 -23.52 6.68 -6.27
N SER B 128 -22.99 5.57 -6.80
CA SER B 128 -23.32 4.24 -6.27
C SER B 128 -22.80 4.01 -4.87
N PRO B 129 -23.60 3.36 -4.02
CA PRO B 129 -23.14 3.11 -2.65
C PRO B 129 -21.97 2.12 -2.65
N PHE B 130 -21.73 1.48 -3.80
CA PHE B 130 -20.63 0.51 -3.91
C PHE B 130 -19.33 1.12 -4.45
N PHE B 131 -19.36 2.39 -4.85
CA PHE B 131 -18.16 3.04 -5.38
C PHE B 131 -16.92 2.84 -4.52
N ILE B 132 -16.98 3.34 -3.29
CA ILE B 132 -15.85 3.23 -2.37
C ILE B 132 -15.37 1.80 -2.11
N PRO B 133 -16.30 0.87 -1.83
CA PRO B 133 -15.93 -0.53 -1.57
C PRO B 133 -15.42 -1.25 -2.81
N MET B 134 -15.73 -0.72 -3.98
CA MET B 134 -15.29 -1.35 -5.22
C MET B 134 -13.96 -0.83 -5.75
N MET B 135 -13.66 0.44 -5.49
CA MET B 135 -12.43 1.01 -6.03
C MET B 135 -11.19 1.07 -5.14
N ILE B 136 -11.34 1.16 -3.83
CA ILE B 136 -10.16 1.25 -2.98
C ILE B 136 -9.20 0.07 -3.09
N ALA B 137 -7.94 0.41 -3.30
CA ALA B 137 -6.83 -0.53 -3.49
C ALA B 137 -6.78 -1.77 -2.59
N ASN B 138 -7.13 -1.61 -1.32
CA ASN B 138 -7.08 -2.70 -0.35
C ASN B 138 -8.12 -3.81 -0.49
N MET B 139 -9.08 -3.63 -1.39
CA MET B 139 -10.14 -4.62 -1.54
C MET B 139 -9.75 -5.95 -2.17
N ALA B 140 -8.58 -6.01 -2.81
CA ALA B 140 -8.12 -7.27 -3.37
C ALA B 140 -7.79 -8.20 -2.20
N SER B 141 -7.02 -7.69 -1.25
CA SER B 141 -6.63 -8.45 -0.07
C SER B 141 -7.83 -8.75 0.82
N ALA B 142 -8.69 -7.76 1.02
CA ALA B 142 -9.87 -7.93 1.85
C ALA B 142 -10.78 -9.06 1.30
N HIS B 143 -11.14 -8.97 0.03
CA HIS B 143 -11.99 -9.99 -0.58
C HIS B 143 -11.41 -11.40 -0.54
N ILE B 144 -10.10 -11.54 -0.72
CA ILE B 144 -9.47 -12.85 -0.65
C ILE B 144 -9.59 -13.37 0.77
N ALA B 145 -9.45 -12.46 1.74
CA ALA B 145 -9.57 -12.82 3.14
C ALA B 145 -11.01 -13.26 3.46
N MET B 146 -11.98 -12.47 3.01
CA MET B 146 -13.40 -12.76 3.24
C MET B 146 -13.85 -14.05 2.56
N ARG B 147 -13.27 -14.35 1.41
CA ARG B 147 -13.64 -15.56 0.71
C ARG B 147 -13.22 -16.84 1.44
N TYR B 148 -12.03 -16.84 2.00
CA TYR B 148 -11.52 -18.03 2.69
C TYR B 148 -11.51 -17.96 4.21
N GLY B 149 -11.91 -16.82 4.76
CA GLY B 149 -11.94 -16.68 6.19
C GLY B 149 -10.56 -16.55 6.82
N PHE B 150 -9.61 -16.02 6.06
CA PHE B 150 -8.26 -15.84 6.59
C PHE B 150 -8.22 -14.60 7.46
N THR B 151 -7.90 -14.81 8.73
CA THR B 151 -7.87 -13.74 9.71
C THR B 151 -6.46 -13.29 10.10
N GLY B 152 -5.46 -13.79 9.37
CA GLY B 152 -4.10 -13.37 9.64
C GLY B 152 -3.98 -11.94 9.10
N PRO B 153 -2.80 -11.32 9.21
CA PRO B 153 -2.63 -9.95 8.71
C PRO B 153 -3.13 -9.79 7.27
N SER B 154 -3.80 -8.67 7.00
CA SER B 154 -4.33 -8.39 5.68
C SER B 154 -3.84 -6.98 5.32
N SER B 155 -2.83 -6.90 4.45
CA SER B 155 -2.31 -5.61 4.05
C SER B 155 -2.26 -5.44 2.54
N THR B 156 -1.92 -4.23 2.12
CA THR B 156 -1.88 -3.91 0.70
C THR B 156 -0.80 -2.89 0.45
N VAL B 157 0.00 -3.13 -0.58
CA VAL B 157 1.05 -2.20 -0.95
C VAL B 157 0.65 -1.62 -2.31
N VAL B 158 0.97 -0.35 -2.52
CA VAL B 158 0.67 0.36 -3.76
C VAL B 158 1.93 1.18 -4.08
N THR B 159 2.83 0.61 -4.87
CA THR B 159 4.06 1.30 -5.22
C THR B 159 4.36 1.18 -6.71
N ALA B 160 3.37 1.52 -7.54
CA ALA B 160 3.53 1.47 -8.98
C ALA B 160 4.05 0.11 -9.47
N CYS B 161 5.03 0.14 -10.37
CA CYS B 161 5.61 -1.05 -10.95
C CYS B 161 6.32 -1.94 -9.94
N ALA B 162 6.64 -1.39 -8.78
CA ALA B 162 7.33 -2.16 -7.74
C ALA B 162 6.36 -2.92 -6.85
N THR B 163 5.08 -2.68 -7.07
CA THR B 163 4.02 -3.29 -6.26
C THR B 163 4.11 -4.79 -6.07
N GLY B 164 4.27 -5.52 -7.16
CA GLY B 164 4.33 -6.97 -7.08
C GLY B 164 5.43 -7.51 -6.19
N ALA B 165 6.63 -6.98 -6.35
CA ALA B 165 7.80 -7.40 -5.57
C ALA B 165 7.71 -6.90 -4.13
N ASP B 166 7.27 -5.66 -3.96
CA ASP B 166 7.14 -5.08 -2.63
C ASP B 166 6.22 -5.95 -1.79
N ALA B 167 5.09 -6.34 -2.36
CA ALA B 167 4.11 -7.17 -1.66
C ALA B 167 4.76 -8.49 -1.24
N LEU B 168 5.41 -9.16 -2.17
CA LEU B 168 6.04 -10.44 -1.89
C LEU B 168 7.13 -10.29 -0.84
N GLY B 169 7.93 -9.23 -0.96
CA GLY B 169 8.97 -9.00 0.04
C GLY B 169 8.34 -8.76 1.39
N SER B 170 7.23 -8.02 1.41
CA SER B 170 6.52 -7.72 2.66
C SER B 170 5.92 -8.99 3.26
N ALA B 171 5.38 -9.86 2.41
CA ALA B 171 4.79 -11.13 2.84
C ALA B 171 5.87 -12.04 3.43
N LEU B 172 7.06 -11.98 2.83
CA LEU B 172 8.21 -12.75 3.29
C LEU B 172 8.55 -12.33 4.72
N ARG B 173 8.60 -11.02 4.96
CA ARG B 173 8.90 -10.49 6.28
C ARG B 173 7.83 -10.96 7.25
N MET B 174 6.58 -10.96 6.78
CA MET B 174 5.45 -11.37 7.59
C MET B 174 5.73 -12.77 8.15
N ILE B 175 6.10 -13.70 7.26
CA ILE B 175 6.40 -15.07 7.68
C ILE B 175 7.66 -15.20 8.50
N GLN B 176 8.70 -14.44 8.15
CA GLN B 176 9.95 -14.50 8.90
C GLN B 176 9.79 -13.97 10.32
N LEU B 177 8.90 -13.02 10.51
CA LEU B 177 8.66 -12.43 11.82
C LEU B 177 7.66 -13.27 12.63
N GLY B 178 7.04 -14.25 11.98
CA GLY B 178 6.08 -15.12 12.65
C GLY B 178 4.67 -14.55 12.74
N GLU B 179 4.37 -13.52 11.96
CA GLU B 179 3.04 -12.92 11.96
C GLU B 179 2.07 -13.81 11.19
N ALA B 180 2.61 -14.83 10.54
CA ALA B 180 1.82 -15.77 9.75
C ALA B 180 2.69 -16.95 9.32
N ASP B 181 2.05 -18.07 9.00
CA ASP B 181 2.76 -19.26 8.55
C ASP B 181 2.61 -19.42 7.03
N LEU B 182 1.61 -18.75 6.48
CA LEU B 182 1.36 -18.80 5.04
C LEU B 182 0.64 -17.52 4.61
N VAL B 183 1.08 -16.95 3.49
CA VAL B 183 0.50 -15.73 2.96
C VAL B 183 0.22 -15.85 1.47
N LEU B 184 -0.95 -15.38 1.04
CA LEU B 184 -1.28 -15.38 -0.38
C LEU B 184 -0.88 -13.96 -0.76
N ALA B 185 0.25 -13.82 -1.43
CA ALA B 185 0.72 -12.49 -1.78
C ALA B 185 1.05 -12.35 -3.25
N GLY B 186 0.95 -11.12 -3.75
CA GLY B 186 1.25 -10.84 -5.13
C GLY B 186 0.72 -9.48 -5.55
N GLY B 187 0.22 -9.40 -6.77
CA GLY B 187 -0.29 -8.14 -7.26
C GLY B 187 -1.32 -8.33 -8.36
N THR B 188 -2.17 -7.32 -8.55
CA THR B 188 -3.22 -7.39 -9.55
C THR B 188 -3.40 -6.01 -10.18
N GLU B 189 -3.80 -5.99 -11.44
CA GLU B 189 -4.03 -4.72 -12.12
C GLU B 189 -5.00 -4.89 -13.29
N ALA B 190 -5.97 -3.99 -13.36
CA ALA B 190 -6.96 -4.01 -14.43
C ALA B 190 -7.14 -2.57 -14.87
N ALA B 191 -6.13 -2.04 -15.56
CA ALA B 191 -6.18 -0.67 -16.02
C ALA B 191 -6.29 -0.45 -17.52
N ILE B 192 -6.83 -1.43 -18.25
CA ILE B 192 -6.99 -1.25 -19.68
C ILE B 192 -8.33 -0.55 -19.90
N THR B 193 -8.28 0.79 -19.86
CA THR B 193 -9.46 1.63 -20.03
C THR B 193 -9.09 2.87 -20.83
N PRO B 194 -10.09 3.58 -21.38
CA PRO B 194 -9.76 4.78 -22.17
C PRO B 194 -8.93 5.82 -21.39
N MET B 195 -9.32 6.10 -20.16
CA MET B 195 -8.63 7.10 -19.36
C MET B 195 -7.20 6.74 -18.97
N ALA B 196 -7.00 5.48 -18.59
CA ALA B 196 -5.67 5.02 -18.18
C ALA B 196 -4.71 4.98 -19.35
N ILE B 197 -5.09 4.32 -20.44
CA ILE B 197 -4.21 4.24 -21.59
C ILE B 197 -3.95 5.62 -22.18
N GLY B 198 -4.93 6.51 -22.08
CA GLY B 198 -4.76 7.85 -22.59
C GLY B 198 -3.79 8.65 -21.74
N ALA B 199 -3.86 8.46 -20.43
CA ALA B 199 -3.00 9.16 -19.50
C ALA B 199 -1.54 8.73 -19.67
N PHE B 200 -1.32 7.44 -19.88
CA PHE B 200 0.04 6.93 -20.06
C PHE B 200 0.58 7.34 -21.43
N ALA B 201 -0.33 7.44 -22.40
CA ALA B 201 0.06 7.84 -23.75
C ALA B 201 0.51 9.30 -23.78
N VAL B 202 -0.21 10.18 -23.10
CA VAL B 202 0.17 11.59 -23.07
C VAL B 202 1.52 11.75 -22.40
N MET B 203 1.84 10.85 -21.46
CA MET B 203 3.11 10.89 -20.77
C MET B 203 4.21 10.31 -21.65
N ARG B 204 3.83 9.79 -22.82
CA ARG B 204 4.79 9.20 -23.75
C ARG B 204 5.42 7.91 -23.20
N ALA B 205 4.73 7.23 -22.30
CA ALA B 205 5.27 6.00 -21.71
C ALA B 205 5.03 4.74 -22.55
N LEU B 206 4.05 4.80 -23.44
CA LEU B 206 3.67 3.65 -24.25
C LEU B 206 4.18 3.61 -25.69
N SER B 207 4.35 2.38 -26.20
CA SER B 207 4.76 2.17 -27.58
C SER B 207 3.57 2.49 -28.46
N THR B 208 3.82 2.93 -29.69
CA THR B 208 2.73 3.23 -30.61
C THR B 208 2.81 2.38 -31.88
N ARG B 209 3.50 1.25 -31.80
CA ARG B 209 3.64 0.35 -32.94
C ARG B 209 2.34 -0.45 -33.08
N ASN B 210 1.25 0.27 -33.35
CA ASN B 210 -0.06 -0.35 -33.50
C ASN B 210 -0.16 -1.29 -34.69
N GLU B 211 0.70 -1.09 -35.68
CA GLU B 211 0.67 -1.93 -36.89
C GLU B 211 1.17 -3.36 -36.67
N GLU B 212 2.01 -3.56 -35.68
CA GLU B 212 2.57 -4.87 -35.38
C GLU B 212 2.48 -5.09 -33.88
N PRO B 213 1.26 -5.26 -33.37
CA PRO B 213 1.01 -5.47 -31.93
C PRO B 213 2.02 -6.38 -31.22
N GLU B 214 2.31 -7.52 -31.82
CA GLU B 214 3.22 -8.50 -31.21
C GLU B 214 4.70 -8.14 -31.20
N LYS B 215 5.09 -7.12 -31.97
CA LYS B 215 6.49 -6.70 -32.03
C LYS B 215 6.73 -5.40 -31.25
N ALA B 216 5.67 -4.80 -30.72
CA ALA B 216 5.77 -3.54 -29.98
C ALA B 216 6.66 -3.63 -28.75
N SER B 217 6.45 -4.67 -27.94
CA SER B 217 7.25 -4.86 -26.73
C SER B 217 8.52 -5.59 -27.14
N ARG B 218 9.62 -4.86 -27.15
CA ARG B 218 10.91 -5.39 -27.58
C ARG B 218 12.02 -4.84 -26.70
N PRO B 219 12.06 -5.25 -25.42
CA PRO B 219 13.08 -4.77 -24.49
C PRO B 219 14.53 -4.95 -24.92
N PHE B 220 15.33 -3.90 -24.71
CA PHE B 220 16.75 -3.89 -25.02
C PHE B 220 17.09 -3.76 -26.50
N THR B 221 16.09 -3.54 -27.34
CA THR B 221 16.33 -3.37 -28.77
C THR B 221 16.50 -1.90 -29.09
N LEU B 222 17.16 -1.60 -30.20
CA LEU B 222 17.39 -0.23 -30.63
C LEU B 222 16.11 0.53 -30.90
N SER B 223 15.15 -0.13 -31.54
CA SER B 223 13.90 0.51 -31.91
C SER B 223 12.80 0.48 -30.85
N ARG B 224 13.14 0.15 -29.61
CA ARG B 224 12.13 0.13 -28.55
C ARG B 224 11.54 1.54 -28.45
N ASP B 225 10.22 1.64 -28.32
CA ASP B 225 9.57 2.94 -28.24
C ASP B 225 8.56 3.11 -27.11
N GLY B 226 8.75 2.39 -26.00
CA GLY B 226 7.82 2.49 -24.88
C GLY B 226 7.22 1.15 -24.52
N PHE B 227 6.57 1.04 -23.37
CA PHE B 227 6.00 -0.26 -23.00
C PHE B 227 4.58 -0.47 -23.50
N VAL B 228 4.09 -1.68 -23.36
CA VAL B 228 2.74 -2.02 -23.78
C VAL B 228 1.98 -2.37 -22.50
N MET B 229 0.85 -1.72 -22.27
CA MET B 229 0.10 -2.02 -21.05
C MET B 229 -0.49 -3.41 -21.05
N GLY B 230 -0.30 -4.10 -19.94
CA GLY B 230 -0.83 -5.44 -19.77
C GLY B 230 -1.77 -5.45 -18.59
N GLU B 231 -2.37 -6.60 -18.30
CA GLU B 231 -3.29 -6.70 -17.18
C GLU B 231 -3.23 -8.13 -16.67
N GLY B 232 -3.82 -8.35 -15.50
CA GLY B 232 -3.85 -9.67 -14.92
C GLY B 232 -3.46 -9.67 -13.45
N ALA B 233 -3.06 -10.83 -12.94
CA ALA B 233 -2.67 -10.91 -11.55
C ALA B 233 -1.78 -12.10 -11.27
N GLY B 234 -0.93 -11.94 -10.26
CA GLY B 234 -0.05 -13.00 -9.86
C GLY B 234 -0.17 -13.13 -8.35
N VAL B 235 -0.59 -14.30 -7.88
CA VAL B 235 -0.73 -14.54 -6.46
C VAL B 235 0.03 -15.82 -6.11
N LEU B 236 0.97 -15.70 -5.18
CA LEU B 236 1.79 -16.84 -4.78
C LEU B 236 1.55 -17.25 -3.34
N VAL B 237 1.81 -18.51 -3.07
CA VAL B 237 1.68 -19.04 -1.73
C VAL B 237 3.08 -19.06 -1.15
N LEU B 238 3.31 -18.20 -0.16
CA LEU B 238 4.59 -18.16 0.54
C LEU B 238 4.29 -18.92 1.81
N GLU B 239 5.18 -19.83 2.18
CA GLU B 239 4.96 -20.69 3.34
C GLU B 239 6.24 -20.95 4.13
N ALA B 240 6.13 -21.01 5.46
CA ALA B 240 7.30 -21.31 6.28
C ALA B 240 7.70 -22.72 5.87
N TYR B 241 9.00 -22.93 5.68
CA TYR B 241 9.55 -24.22 5.26
C TYR B 241 9.01 -25.45 6.01
N GLU B 242 9.05 -25.40 7.34
CA GLU B 242 8.57 -26.52 8.14
C GLU B 242 7.08 -26.77 7.96
N HIS B 243 6.30 -25.69 7.86
CA HIS B 243 4.87 -25.84 7.66
C HIS B 243 4.63 -26.54 6.32
N ALA B 244 5.43 -26.17 5.33
CA ALA B 244 5.34 -26.75 4.00
C ALA B 244 5.81 -28.21 3.99
N LYS B 245 7.00 -28.45 4.54
CA LYS B 245 7.56 -29.79 4.60
C LYS B 245 6.64 -30.82 5.26
N LYS B 246 6.14 -30.47 6.44
CA LYS B 246 5.24 -31.33 7.21
C LYS B 246 3.98 -31.72 6.46
N ARG B 247 3.43 -30.81 5.65
CA ARG B 247 2.21 -31.11 4.92
C ARG B 247 2.42 -31.76 3.56
N GLY B 248 3.66 -31.84 3.11
CA GLY B 248 3.94 -32.44 1.81
C GLY B 248 3.74 -31.48 0.65
N ALA B 249 4.14 -30.23 0.85
CA ALA B 249 4.02 -29.23 -0.20
C ALA B 249 5.03 -29.49 -1.30
N ARG B 250 4.72 -29.03 -2.51
CA ARG B 250 5.66 -29.15 -3.62
C ARG B 250 6.31 -27.77 -3.69
N ILE B 251 7.60 -27.72 -3.38
CA ILE B 251 8.34 -26.45 -3.37
C ILE B 251 9.03 -26.08 -4.68
N TYR B 252 8.68 -24.90 -5.21
CA TYR B 252 9.23 -24.41 -6.46
C TYR B 252 10.60 -23.75 -6.29
N ALA B 253 10.75 -23.01 -5.18
CA ALA B 253 11.98 -22.31 -4.87
C ALA B 253 11.87 -21.66 -3.49
N GLU B 254 12.98 -21.15 -2.98
CA GLU B 254 12.98 -20.47 -1.68
C GLU B 254 13.17 -18.96 -1.88
N LEU B 255 12.36 -18.17 -1.19
CA LEU B 255 12.48 -16.71 -1.28
C LEU B 255 13.51 -16.39 -0.20
N VAL B 256 14.69 -15.94 -0.59
CA VAL B 256 15.76 -15.66 0.36
C VAL B 256 16.18 -14.22 0.53
N GLY B 257 15.86 -13.36 -0.44
CA GLY B 257 16.26 -11.97 -0.33
C GLY B 257 15.25 -10.99 -0.84
N PHE B 258 15.32 -9.78 -0.30
CA PHE B 258 14.39 -8.70 -0.65
C PHE B 258 15.12 -7.37 -0.46
N GLY B 259 15.37 -6.65 -1.56
CA GLY B 259 16.06 -5.37 -1.47
C GLY B 259 15.22 -4.22 -2.04
N ARG B 260 15.26 -3.06 -1.38
CA ARG B 260 14.51 -1.88 -1.81
C ARG B 260 15.32 -0.59 -1.68
N SER B 261 14.96 0.41 -2.48
CA SER B 261 15.63 1.70 -2.44
C SER B 261 14.74 2.69 -3.19
N ALA B 262 15.14 3.96 -3.19
CA ALA B 262 14.40 5.01 -3.87
C ALA B 262 15.37 5.83 -4.70
N ASP B 263 15.02 6.14 -5.94
CA ASP B 263 15.90 6.95 -6.78
C ASP B 263 16.02 8.35 -6.18
N ALA B 264 14.91 8.83 -5.61
CA ALA B 264 14.87 10.16 -5.02
C ALA B 264 15.37 11.11 -6.09
N HIS B 265 14.90 10.87 -7.31
CA HIS B 265 15.33 11.63 -8.46
C HIS B 265 14.27 12.41 -9.23
N HIS B 266 13.29 11.72 -9.82
CA HIS B 266 12.25 12.40 -10.61
C HIS B 266 10.91 11.67 -10.54
N ILE B 267 9.80 12.41 -10.66
CA ILE B 267 8.46 11.82 -10.57
C ILE B 267 8.15 10.68 -11.54
N THR B 268 8.71 10.75 -12.75
CA THR B 268 8.48 9.70 -13.73
C THR B 268 9.76 9.26 -14.44
N GLU B 269 10.79 10.09 -14.35
CA GLU B 269 12.06 9.77 -14.99
C GLU B 269 12.95 8.90 -14.10
N PRO B 270 13.34 7.72 -14.60
CA PRO B 270 14.21 6.82 -13.83
C PRO B 270 15.64 7.35 -13.83
N HIS B 271 16.36 7.16 -12.72
CA HIS B 271 17.74 7.61 -12.65
C HIS B 271 18.46 7.07 -13.89
N PRO B 272 19.11 7.96 -14.66
CA PRO B 272 19.85 7.62 -15.87
C PRO B 272 20.90 6.51 -15.80
N GLU B 273 21.66 6.47 -14.71
CA GLU B 273 22.70 5.46 -14.55
C GLU B 273 22.28 4.23 -13.74
N GLY B 274 21.01 4.17 -13.35
CA GLY B 274 20.53 3.04 -12.58
C GLY B 274 21.08 2.97 -11.17
N LYS B 275 21.30 4.14 -10.57
CA LYS B 275 21.84 4.24 -9.22
C LYS B 275 20.93 3.60 -8.17
N GLY B 276 19.63 3.87 -8.26
CA GLY B 276 18.70 3.30 -7.31
C GLY B 276 18.51 1.82 -7.55
N ALA B 277 18.44 1.44 -8.82
CA ALA B 277 18.25 0.06 -9.23
C ALA B 277 19.42 -0.79 -8.73
N ALA B 278 20.63 -0.25 -8.86
CA ALA B 278 21.84 -0.96 -8.43
C ALA B 278 21.85 -1.18 -6.92
N LEU B 279 21.45 -0.15 -6.18
CA LEU B 279 21.43 -0.23 -4.73
C LEU B 279 20.43 -1.30 -4.27
N ALA B 280 19.27 -1.33 -4.91
CA ALA B 280 18.23 -2.31 -4.57
C ALA B 280 18.75 -3.73 -4.82
N MET B 281 19.39 -3.94 -5.98
CA MET B 281 19.92 -5.25 -6.30
C MET B 281 20.97 -5.66 -5.28
N ALA B 282 21.84 -4.73 -4.90
CA ALA B 282 22.87 -5.03 -3.91
C ALA B 282 22.24 -5.39 -2.57
N ARG B 283 21.16 -4.69 -2.21
CA ARG B 283 20.49 -4.96 -0.95
C ARG B 283 19.82 -6.32 -0.92
N ALA B 284 19.22 -6.71 -2.03
CA ALA B 284 18.56 -8.01 -2.09
C ALA B 284 19.57 -9.13 -1.86
N LEU B 285 20.74 -9.01 -2.49
CA LEU B 285 21.81 -10.00 -2.34
C LEU B 285 22.32 -10.09 -0.91
N LYS B 286 22.54 -8.94 -0.29
CA LYS B 286 23.01 -8.92 1.08
C LYS B 286 21.98 -9.56 2.00
N ASP B 287 20.70 -9.26 1.76
CA ASP B 287 19.63 -9.83 2.57
C ASP B 287 19.69 -11.36 2.39
N ALA B 288 19.92 -11.79 1.16
CA ALA B 288 19.99 -13.20 0.82
C ALA B 288 21.28 -13.85 1.35
N GLY B 289 22.24 -13.02 1.73
CA GLY B 289 23.50 -13.54 2.24
C GLY B 289 24.38 -14.11 1.14
N ILE B 290 24.19 -13.62 -0.08
CA ILE B 290 24.97 -14.07 -1.22
C ILE B 290 25.72 -12.91 -1.88
N ALA B 291 26.64 -13.26 -2.77
CA ALA B 291 27.45 -12.27 -3.48
C ALA B 291 27.03 -12.22 -4.94
N PRO B 292 27.42 -11.15 -5.65
CA PRO B 292 27.06 -11.02 -7.07
C PRO B 292 27.49 -12.23 -7.91
N GLU B 293 28.64 -12.80 -7.60
CA GLU B 293 29.19 -13.94 -8.34
C GLU B 293 28.29 -15.18 -8.37
N GLN B 294 27.45 -15.32 -7.36
CA GLN B 294 26.57 -16.48 -7.28
C GLN B 294 25.29 -16.43 -8.12
N VAL B 295 24.89 -15.25 -8.58
CA VAL B 295 23.66 -15.11 -9.37
C VAL B 295 23.81 -15.60 -10.81
N GLY B 296 22.85 -16.41 -11.26
CA GLY B 296 22.92 -16.92 -12.62
C GLY B 296 21.87 -16.36 -13.54
N TYR B 297 20.76 -15.89 -12.99
CA TYR B 297 19.68 -15.36 -13.81
C TYR B 297 19.01 -14.14 -13.19
N ILE B 298 18.63 -13.19 -14.05
CA ILE B 298 17.93 -12.00 -13.62
C ILE B 298 16.70 -11.78 -14.48
N ASN B 299 15.53 -11.81 -13.87
CA ASN B 299 14.31 -11.53 -14.61
C ASN B 299 14.26 -10.01 -14.52
N ALA B 300 14.62 -9.36 -15.63
CA ALA B 300 14.67 -7.90 -15.71
C ALA B 300 13.32 -7.21 -15.62
N HIS B 301 13.35 -5.95 -15.20
CA HIS B 301 12.12 -5.15 -15.15
C HIS B 301 11.81 -4.96 -16.64
N GLY B 302 12.87 -4.67 -17.40
CA GLY B 302 12.80 -4.48 -18.84
C GLY B 302 11.49 -4.21 -19.52
N THR B 303 11.01 -2.99 -19.35
CA THR B 303 9.73 -2.52 -19.90
C THR B 303 9.72 -2.25 -21.40
N SER B 304 10.88 -2.05 -21.99
CA SER B 304 11.00 -1.76 -23.43
C SER B 304 10.94 -0.25 -23.68
N THR B 305 11.43 0.50 -22.70
CA THR B 305 11.48 1.96 -22.78
C THR B 305 12.92 2.37 -23.12
N PRO B 306 13.08 3.46 -23.88
CA PRO B 306 14.41 3.96 -24.26
C PRO B 306 15.34 4.20 -23.06
N VAL B 307 14.92 5.07 -22.15
CA VAL B 307 15.72 5.38 -20.97
C VAL B 307 15.73 4.22 -19.96
N GLY B 308 14.55 3.67 -19.71
CA GLY B 308 14.42 2.58 -18.75
C GLY B 308 15.31 1.38 -18.95
N ASP B 309 15.27 0.77 -20.13
CA ASP B 309 16.10 -0.40 -20.40
C ASP B 309 17.59 -0.13 -20.20
N ARG B 310 18.06 0.99 -20.74
CA ARG B 310 19.48 1.34 -20.60
C ARG B 310 19.86 1.53 -19.13
N ALA B 311 19.00 2.21 -18.36
CA ALA B 311 19.30 2.43 -16.96
C ALA B 311 19.50 1.09 -16.24
N GLU B 312 18.62 0.13 -16.51
CA GLU B 312 18.71 -1.18 -15.87
C GLU B 312 19.99 -1.93 -16.24
N VAL B 313 20.36 -1.92 -17.52
CA VAL B 313 21.58 -2.58 -17.94
C VAL B 313 22.76 -1.97 -17.20
N LEU B 314 22.76 -0.64 -17.13
CA LEU B 314 23.81 0.09 -16.43
C LEU B 314 23.91 -0.34 -14.98
N ALA B 315 22.78 -0.47 -14.31
CA ALA B 315 22.77 -0.89 -12.90
C ALA B 315 23.27 -2.33 -12.75
N ILE B 316 22.92 -3.20 -13.69
CA ILE B 316 23.37 -4.59 -13.63
C ILE B 316 24.89 -4.66 -13.76
N LYS B 317 25.45 -3.87 -14.67
CA LYS B 317 26.90 -3.87 -14.88
C LYS B 317 27.64 -3.36 -13.65
N ARG B 318 27.04 -2.36 -12.97
CA ARG B 318 27.65 -1.80 -11.77
C ARG B 318 27.67 -2.81 -10.62
N VAL B 319 26.57 -3.50 -10.38
CA VAL B 319 26.54 -4.46 -9.29
C VAL B 319 27.29 -5.76 -9.60
N PHE B 320 27.15 -6.27 -10.82
CA PHE B 320 27.81 -7.53 -11.18
C PHE B 320 29.17 -7.42 -11.86
N GLY B 321 29.47 -6.25 -12.43
CA GLY B 321 30.76 -6.08 -13.08
C GLY B 321 31.08 -7.09 -14.17
N ASP B 322 32.21 -7.78 -14.07
CA ASP B 322 32.60 -8.76 -15.09
C ASP B 322 31.65 -9.94 -15.19
N HIS B 323 30.94 -10.23 -14.09
CA HIS B 323 30.00 -11.34 -14.09
C HIS B 323 28.78 -11.01 -14.94
N ALA B 324 28.57 -9.71 -15.18
CA ALA B 324 27.44 -9.26 -15.97
C ALA B 324 27.44 -9.87 -17.37
N LYS B 325 28.62 -10.30 -17.81
CA LYS B 325 28.78 -10.88 -19.14
C LYS B 325 28.46 -12.38 -19.15
N ARG B 326 28.40 -12.99 -17.97
CA ARG B 326 28.12 -14.42 -17.86
C ARG B 326 26.66 -14.65 -17.43
N LEU B 327 26.03 -13.60 -16.93
CA LEU B 327 24.63 -13.66 -16.47
C LEU B 327 23.64 -13.84 -17.60
N MET B 328 22.50 -14.45 -17.31
CA MET B 328 21.46 -14.62 -18.30
C MET B 328 20.36 -13.65 -17.84
N VAL B 329 19.91 -12.80 -18.74
CA VAL B 329 18.88 -11.80 -18.41
C VAL B 329 17.73 -11.86 -19.41
N SER B 330 16.49 -11.88 -18.92
CA SER B 330 15.35 -11.91 -19.84
C SER B 330 14.17 -11.09 -19.31
N SER B 331 13.36 -10.60 -20.22
CA SER B 331 12.19 -9.81 -19.88
C SER B 331 10.89 -10.50 -20.21
N THR B 332 10.13 -10.84 -19.18
CA THR B 332 8.84 -11.48 -19.38
C THR B 332 7.91 -10.49 -20.12
N LYS B 333 8.15 -9.20 -19.95
CA LYS B 333 7.32 -8.16 -20.58
C LYS B 333 7.35 -8.21 -22.11
N SER B 334 8.40 -8.81 -22.66
CA SER B 334 8.51 -8.90 -24.10
C SER B 334 7.31 -9.67 -24.62
N MET B 335 6.75 -10.54 -23.77
CA MET B 335 5.60 -11.36 -24.15
C MET B 335 4.25 -10.91 -23.58
N ILE B 336 4.19 -10.58 -22.29
CA ILE B 336 2.93 -10.18 -21.65
C ILE B 336 2.77 -8.69 -21.42
N GLY B 337 3.78 -7.92 -21.83
CA GLY B 337 3.70 -6.48 -21.63
C GLY B 337 3.98 -6.09 -20.18
N HIS B 338 3.54 -4.91 -19.81
CA HIS B 338 3.74 -4.36 -18.47
C HIS B 338 2.46 -4.47 -17.65
N LEU B 339 2.40 -5.46 -16.76
CA LEU B 339 1.23 -5.67 -15.92
C LEU B 339 1.17 -4.70 -14.73
N LEU B 340 2.00 -3.67 -14.80
CA LEU B 340 2.03 -2.64 -13.78
C LEU B 340 2.08 -3.17 -12.34
N GLY B 341 1.01 -2.97 -11.58
CA GLY B 341 0.98 -3.43 -10.21
C GLY B 341 1.12 -4.94 -10.04
N ALA B 342 0.85 -5.67 -11.11
CA ALA B 342 0.95 -7.13 -11.09
C ALA B 342 2.25 -7.62 -11.71
N ALA B 343 2.98 -6.73 -12.36
CA ALA B 343 4.23 -7.09 -13.03
C ALA B 343 5.20 -7.93 -12.19
N GLY B 344 5.61 -7.40 -11.05
CA GLY B 344 6.56 -8.11 -10.21
C GLY B 344 6.08 -9.44 -9.67
N ALA B 345 4.76 -9.60 -9.52
CA ALA B 345 4.23 -10.84 -9.00
C ALA B 345 4.25 -11.91 -10.08
N VAL B 346 3.79 -11.56 -11.28
CA VAL B 346 3.78 -12.52 -12.38
C VAL B 346 5.19 -12.86 -12.85
N GLU B 347 6.11 -11.92 -12.73
CA GLU B 347 7.49 -12.13 -13.13
C GLU B 347 8.24 -12.94 -12.07
N ALA B 348 7.75 -12.90 -10.83
CA ALA B 348 8.35 -13.66 -9.74
C ALA B 348 7.94 -15.11 -9.98
N ILE B 349 6.71 -15.28 -10.48
CA ILE B 349 6.20 -16.61 -10.80
C ILE B 349 7.05 -17.19 -11.91
N ALA B 350 7.42 -16.35 -12.88
CA ALA B 350 8.26 -16.81 -14.00
C ALA B 350 9.67 -17.18 -13.55
N THR B 351 10.23 -16.38 -12.64
CA THR B 351 11.57 -16.62 -12.14
C THR B 351 11.60 -17.94 -11.37
N VAL B 352 10.60 -18.14 -10.52
CA VAL B 352 10.51 -19.37 -9.74
C VAL B 352 10.37 -20.58 -10.66
N GLN B 353 9.58 -20.43 -11.72
CA GLN B 353 9.38 -21.51 -12.67
C GLN B 353 10.69 -21.86 -13.40
N ALA B 354 11.49 -20.82 -13.67
CA ALA B 354 12.78 -20.98 -14.34
C ALA B 354 13.76 -21.77 -13.46
N LEU B 355 13.73 -21.54 -12.16
CA LEU B 355 14.62 -22.25 -11.24
C LEU B 355 14.12 -23.69 -11.04
N TYR B 356 12.80 -23.84 -10.90
CA TYR B 356 12.21 -25.15 -10.67
C TYR B 356 12.27 -26.06 -11.88
N HIS B 357 12.07 -25.51 -13.07
CA HIS B 357 12.09 -26.31 -14.29
C HIS B 357 13.47 -26.37 -14.93
N GLY B 358 14.41 -25.59 -14.40
CA GLY B 358 15.74 -25.59 -14.95
C GLY B 358 15.77 -25.08 -16.39
N VAL B 359 14.84 -24.20 -16.73
CA VAL B 359 14.77 -23.64 -18.09
C VAL B 359 14.58 -22.13 -17.99
N ILE B 360 15.43 -21.38 -18.68
CA ILE B 360 15.36 -19.92 -18.66
C ILE B 360 14.46 -19.39 -19.78
N PRO B 361 13.43 -18.60 -19.44
CA PRO B 361 12.49 -18.03 -20.41
C PRO B 361 13.21 -16.97 -21.26
N PRO B 362 12.83 -16.82 -22.53
CA PRO B 362 13.47 -15.84 -23.40
C PRO B 362 12.85 -14.45 -23.46
N THR B 363 13.58 -13.56 -24.14
CA THR B 363 13.13 -12.19 -24.38
C THR B 363 12.88 -12.20 -25.88
N ILE B 364 11.62 -12.29 -26.29
CA ILE B 364 11.30 -12.31 -27.72
C ILE B 364 11.52 -10.96 -28.36
N ASN B 365 11.41 -10.92 -29.69
CA ASN B 365 11.55 -9.70 -30.49
C ASN B 365 12.94 -9.08 -30.53
N LEU B 366 13.93 -9.85 -30.14
CA LEU B 366 15.32 -9.39 -30.11
C LEU B 366 15.87 -9.36 -31.54
N GLU B 367 15.22 -8.59 -32.40
CA GLU B 367 15.60 -8.47 -33.81
C GLU B 367 16.75 -7.51 -34.06
N ASP B 368 16.76 -6.40 -33.33
CA ASP B 368 17.80 -5.38 -33.49
C ASP B 368 18.41 -5.01 -32.14
N PRO B 369 19.34 -5.84 -31.65
CA PRO B 369 19.99 -5.58 -30.36
C PRO B 369 20.59 -4.18 -30.33
N ASP B 370 20.62 -3.60 -29.14
CA ASP B 370 21.17 -2.27 -28.95
C ASP B 370 22.63 -2.45 -28.56
N PRO B 371 23.57 -2.13 -29.47
CA PRO B 371 25.00 -2.27 -29.21
C PRO B 371 25.42 -1.74 -27.83
N GLU B 372 24.65 -0.81 -27.30
CA GLU B 372 24.93 -0.22 -25.99
C GLU B 372 24.57 -1.20 -24.88
N LEU B 373 23.49 -1.95 -25.10
CA LEU B 373 23.01 -2.94 -24.15
C LEU B 373 23.48 -4.32 -24.63
N ASP B 374 24.68 -4.70 -24.21
CA ASP B 374 25.27 -5.97 -24.63
C ASP B 374 25.40 -7.06 -23.58
N LEU B 375 24.26 -7.52 -23.07
CA LEU B 375 24.26 -8.61 -22.11
C LEU B 375 23.57 -9.76 -22.82
N ASP B 376 23.54 -10.93 -22.19
CA ASP B 376 22.89 -12.08 -22.80
C ASP B 376 21.40 -12.01 -22.44
N PHE B 377 20.58 -11.54 -23.38
CA PHE B 377 19.14 -11.38 -23.13
C PHE B 377 18.28 -12.59 -23.48
N VAL B 378 18.93 -13.75 -23.59
CA VAL B 378 18.28 -15.02 -23.87
C VAL B 378 17.21 -14.95 -24.96
N PRO B 379 17.62 -14.82 -26.22
CA PRO B 379 16.67 -14.75 -27.33
C PRO B 379 15.86 -16.05 -27.52
N GLU B 380 16.43 -17.16 -27.08
CA GLU B 380 15.77 -18.46 -27.20
C GLU B 380 15.75 -19.18 -25.86
N PRO B 381 14.66 -19.93 -25.58
CA PRO B 381 14.59 -20.64 -24.30
C PRO B 381 15.88 -21.45 -24.14
N ARG B 382 16.49 -21.41 -22.97
CA ARG B 382 17.72 -22.14 -22.77
C ARG B 382 17.72 -23.02 -21.53
N GLU B 383 18.06 -24.29 -21.71
CA GLU B 383 18.10 -25.20 -20.57
C GLU B 383 19.35 -24.90 -19.74
N ALA B 384 19.15 -24.71 -18.45
CA ALA B 384 20.26 -24.41 -17.54
C ALA B 384 19.76 -24.31 -16.11
N LYS B 385 20.47 -25.01 -15.23
CA LYS B 385 20.17 -25.03 -13.81
C LYS B 385 20.98 -23.94 -13.12
N VAL B 386 20.29 -23.00 -12.46
CA VAL B 386 20.99 -21.94 -11.75
C VAL B 386 20.58 -22.04 -10.29
N ASP B 387 21.47 -21.61 -9.40
CA ASP B 387 21.19 -21.68 -7.97
C ASP B 387 20.52 -20.45 -7.40
N TYR B 388 20.79 -19.30 -8.00
CA TYR B 388 20.21 -18.05 -7.53
C TYR B 388 19.77 -17.16 -8.67
N ALA B 389 18.64 -16.49 -8.49
CA ALA B 389 18.10 -15.59 -9.50
C ALA B 389 17.44 -14.37 -8.87
N LEU B 390 17.53 -13.25 -9.57
CA LEU B 390 16.93 -11.99 -9.12
C LEU B 390 15.77 -11.61 -10.02
N SER B 391 14.80 -10.91 -9.46
CA SER B 391 13.68 -10.41 -10.24
C SER B 391 13.58 -8.94 -9.87
N ASN B 392 13.79 -8.07 -10.87
CA ASN B 392 13.77 -6.62 -10.67
C ASN B 392 12.45 -5.91 -11.02
N SER B 393 12.21 -4.78 -10.35
CA SER B 393 11.04 -3.93 -10.57
C SER B 393 11.43 -2.49 -10.16
N PHE B 394 11.60 -1.61 -11.15
CA PHE B 394 11.99 -0.22 -10.90
C PHE B 394 10.89 0.68 -11.45
N ALA B 395 10.06 1.19 -10.54
CA ALA B 395 8.88 1.98 -10.90
C ALA B 395 8.88 3.51 -10.97
N PHE B 396 7.79 4.03 -11.55
CA PHE B 396 7.56 5.47 -11.66
C PHE B 396 7.51 5.95 -10.21
N GLY B 397 8.23 7.03 -9.92
CA GLY B 397 8.28 7.54 -8.57
C GLY B 397 9.63 7.22 -7.98
N GLY B 398 10.33 6.26 -8.61
CA GLY B 398 11.65 5.89 -8.15
C GLY B 398 11.71 4.73 -7.16
N HIS B 399 10.58 4.07 -6.92
CA HIS B 399 10.55 2.94 -5.99
C HIS B 399 11.23 1.73 -6.65
N ASN B 400 12.25 1.18 -6.01
CA ASN B 400 12.94 0.02 -6.56
C ASN B 400 12.80 -1.16 -5.60
N ALA B 401 12.35 -2.29 -6.12
CA ALA B 401 12.18 -3.49 -5.31
C ALA B 401 12.78 -4.68 -6.05
N VAL B 402 13.60 -5.46 -5.36
CA VAL B 402 14.24 -6.63 -5.97
C VAL B 402 14.07 -7.87 -5.08
N LEU B 403 13.72 -8.99 -5.70
CA LEU B 403 13.56 -10.24 -4.96
C LEU B 403 14.66 -11.21 -5.38
N ALA B 404 15.11 -12.04 -4.46
CA ALA B 404 16.15 -13.03 -4.75
C ALA B 404 15.63 -14.42 -4.39
N PHE B 405 15.64 -15.32 -5.37
CA PHE B 405 15.17 -16.69 -5.19
C PHE B 405 16.28 -17.72 -5.25
N LYS B 406 16.11 -18.80 -4.49
CA LYS B 406 17.10 -19.87 -4.46
C LYS B 406 16.51 -21.19 -4.96
N ARG B 407 17.26 -21.90 -5.80
CA ARG B 407 16.83 -23.18 -6.34
C ARG B 407 16.81 -24.20 -5.21
N VAL B 408 15.83 -25.10 -5.25
CA VAL B 408 15.68 -26.13 -4.22
C VAL B 408 16.12 -27.51 -4.75
C1 CIT C . -3.24 21.65 -19.53
O1 CIT C . -3.22 21.61 -18.29
O2 CIT C . -2.21 21.76 -20.27
C2 CIT C . -4.61 21.53 -20.13
C3 CIT C . -5.27 20.09 -20.26
O7 CIT C . -5.38 19.43 -19.05
C4 CIT C . -6.66 20.36 -20.90
C5 CIT C . -7.70 20.78 -19.89
O3 CIT C . -8.77 20.97 -20.43
O4 CIT C . -7.50 20.90 -18.71
C6 CIT C . -4.36 19.22 -21.08
O5 CIT C . -4.75 18.78 -22.19
O6 CIT C . -3.23 18.95 -20.62
MG MG D . 4.01 4.14 -33.99
#